data_6BYX
#
_entry.id   6BYX
#
_cell.length_a   83.050
_cell.length_b   120.959
_cell.length_c   127.221
_cell.angle_alpha   90.00
_cell.angle_beta   90.00
_cell.angle_gamma   90.00
#
_symmetry.space_group_name_H-M   'P 21 21 21'
#
loop_
_entity.id
_entity.type
_entity.pdbx_description
1 polymer 'Short ulvan lyase'
2 branched '4-deoxy-alpha-L-threo-hex-4-enopyranuronic acid-(1-4)-3-O-sulfo-alpha-L-rhamnopyranose-(1-4)-beta-D-glucopyranuronic acid-(1-4)-3-O-sulfo-alpha-L-rhamnopyranose'
3 non-polymer 'CALCIUM ION'
4 non-polymer 'SULFATE ION'
5 non-polymer GLYCEROL
6 water water
#
_entity_poly.entity_id   1
_entity_poly.type   'polypeptide(L)'
_entity_poly.pdbx_seq_one_letter_code
;MANDSVSLTSNISNTSGVLLESQTKITDGALHFDGKKLNHNTFENPSKSQAYDYFFGRNISAHGDAVKPYKHFVFMTWYK
GGKEERNVMLSRFNTKTGVVKTIQFPHRHTGFRGDPLVGESHNTIGLAVSPLNGTIHMVYDMHAYVDDDETGRFKGRFVD
DFFRYSFSVAGAADVPDDEFTLEQFVKDTSELSQGADDYKHLTMTGNLQDKENFSALTYPKFYTSDDGELLHYMNWGGNN
NGAYYFNKYDAKNQKWTRFTPFNHKDQKTHGNAYNWGLYGQMKYINGKLRVGFQQRSANNDDRFKYQNGVYYAYSDHPDG
LGNWKNVDGEDMTWPLVNSDEIKIFEPGDYIDHTAPNSVHIVTGFDWTVTENDDVHFITHVRSTDTKRSDYKEVSIHAFK
PANAVDFTITTDFTGADSIYTSGDSIFIIGLKNGYPFVEKAKGGSNDFEVVYQQASGVKFDHGTIHIENGKAYYYLMEKG
AGNALPLHLQVIDLGVTELEHHHHHH
;
_entity_poly.pdbx_strand_id   A,B
#
# COMPACT_ATOMS: atom_id res chain seq x y z
N SER A 16 12.98 -3.22 -4.94
CA SER A 16 14.13 -3.60 -5.75
C SER A 16 14.92 -4.71 -5.07
N GLY A 17 14.71 -5.94 -5.55
CA GLY A 17 15.29 -7.11 -4.96
C GLY A 17 14.55 -7.67 -3.77
N VAL A 18 13.71 -6.87 -3.12
CA VAL A 18 13.03 -7.29 -1.90
C VAL A 18 11.84 -8.15 -2.30
N LEU A 19 11.79 -9.38 -1.78
CA LEU A 19 10.69 -10.27 -2.15
C LEU A 19 10.36 -11.21 -1.00
N LEU A 20 9.12 -11.65 -0.95
CA LEU A 20 8.68 -12.60 0.06
C LEU A 20 9.05 -14.00 -0.38
N GLU A 21 9.87 -14.69 0.43
CA GLU A 21 10.23 -16.06 0.08
C GLU A 21 9.21 -17.08 0.57
N SER A 22 8.74 -16.93 1.80
CA SER A 22 7.83 -17.92 2.37
C SER A 22 6.97 -17.26 3.42
N GLN A 23 5.74 -17.75 3.55
CA GLN A 23 4.90 -17.45 4.69
C GLN A 23 4.41 -18.78 5.23
N THR A 24 4.66 -19.04 6.51
CA THR A 24 4.43 -20.34 7.12
C THR A 24 3.66 -20.16 8.42
N LYS A 25 2.48 -20.76 8.50
CA LYS A 25 1.69 -20.70 9.73
C LYS A 25 2.35 -21.57 10.80
N ILE A 26 2.46 -21.03 12.02
CA ILE A 26 3.08 -21.74 13.12
C ILE A 26 2.05 -22.29 14.10
N THR A 27 0.97 -21.55 14.35
CA THR A 27 -0.09 -22.02 15.21
C THR A 27 -1.33 -21.18 14.97
N ASP A 28 -2.48 -21.72 15.37
CA ASP A 28 -3.72 -20.97 15.33
C ASP A 28 -4.05 -20.27 16.64
N GLY A 29 -3.40 -20.64 17.75
CA GLY A 29 -3.80 -20.05 19.01
C GLY A 29 -2.63 -19.73 19.90
N ALA A 30 -1.99 -18.59 19.65
CA ALA A 30 -0.97 -18.04 20.52
C ALA A 30 -1.58 -16.98 21.41
N LEU A 31 -1.01 -16.83 22.60
CA LEU A 31 -1.60 -15.97 23.61
C LEU A 31 -1.57 -14.52 23.15
N HIS A 32 -2.61 -13.78 23.51
CA HIS A 32 -2.72 -12.35 23.22
C HIS A 32 -3.72 -11.74 24.19
N PHE A 33 -3.47 -10.51 24.59
CA PHE A 33 -4.29 -9.87 25.63
C PHE A 33 -5.40 -9.07 24.98
N ASP A 34 -6.59 -9.67 24.89
CA ASP A 34 -7.74 -9.01 24.27
C ASP A 34 -8.60 -8.26 25.29
N GLY A 35 -8.28 -8.35 26.57
CA GLY A 35 -9.06 -7.71 27.62
C GLY A 35 -8.92 -6.21 27.67
N LYS A 36 -9.08 -5.62 28.85
CA LYS A 36 -8.99 -4.19 29.03
C LYS A 36 -7.66 -3.79 29.68
N LYS A 37 -7.37 -2.51 29.60
CA LYS A 37 -6.11 -1.92 30.06
C LYS A 37 -6.27 -1.53 31.52
N LEU A 38 -5.82 -2.40 32.42
CA LEU A 38 -5.87 -2.09 33.84
C LEU A 38 -4.92 -0.94 34.17
N ASN A 39 -4.91 -0.53 35.44
CA ASN A 39 -4.05 0.54 35.93
C ASN A 39 -3.79 0.33 37.40
N HIS A 40 -3.01 1.23 37.99
CA HIS A 40 -2.66 1.09 39.41
C HIS A 40 -3.90 0.94 40.29
N ASN A 41 -4.96 1.69 39.99
CA ASN A 41 -6.16 1.60 40.83
C ASN A 41 -6.91 0.29 40.61
N THR A 42 -6.96 -0.19 39.37
CA THR A 42 -7.83 -1.31 39.05
C THR A 42 -7.11 -2.64 38.86
N PHE A 43 -5.77 -2.67 38.79
CA PHE A 43 -5.10 -3.93 38.48
C PHE A 43 -5.44 -5.03 39.48
N GLU A 44 -6.13 -4.70 40.57
CA GLU A 44 -6.44 -5.67 41.60
C GLU A 44 -7.83 -6.27 41.40
N ASN A 45 -8.58 -5.79 40.42
CA ASN A 45 -9.90 -6.31 40.06
C ASN A 45 -9.92 -6.73 38.59
N PRO A 46 -9.05 -7.68 38.22
CA PRO A 46 -9.00 -8.15 36.81
C PRO A 46 -10.23 -8.98 36.44
N SER A 47 -10.82 -8.64 35.30
CA SER A 47 -11.96 -9.39 34.78
C SER A 47 -11.73 -10.90 34.82
N LYS A 48 -12.63 -11.60 35.51
CA LYS A 48 -12.60 -13.06 35.55
C LYS A 48 -13.35 -13.71 34.39
N SER A 49 -13.80 -12.94 33.41
CA SER A 49 -14.52 -13.49 32.26
C SER A 49 -13.57 -14.05 31.20
N GLN A 50 -14.09 -14.20 29.97
CA GLN A 50 -13.29 -14.76 28.88
C GLN A 50 -12.20 -13.80 28.42
N ALA A 51 -12.48 -12.50 28.43
CA ALA A 51 -11.49 -11.52 27.97
C ALA A 51 -10.28 -11.50 28.89
N TYR A 52 -9.12 -11.15 28.32
CA TYR A 52 -7.83 -11.21 29.03
C TYR A 52 -7.30 -9.80 29.30
N ASP A 53 -7.57 -9.29 30.49
CA ASP A 53 -7.09 -7.96 30.84
C ASP A 53 -5.56 -7.97 30.92
N TYR A 54 -4.99 -6.76 30.88
CA TYR A 54 -3.54 -6.59 30.82
C TYR A 54 -3.17 -5.21 31.35
N PHE A 55 -1.93 -5.09 31.83
CA PHE A 55 -1.46 -3.90 32.54
C PHE A 55 -0.66 -2.94 31.67
N PHE A 56 0.14 -3.43 30.72
CA PHE A 56 0.96 -2.54 29.89
C PHE A 56 0.49 -2.55 28.44
N GLY A 57 0.85 -3.58 27.68
CA GLY A 57 0.42 -3.71 26.30
C GLY A 57 -0.18 -5.08 26.06
N ARG A 58 -0.73 -5.25 24.85
CA ARG A 58 -1.39 -6.51 24.52
C ARG A 58 -0.45 -7.57 24.00
N ASN A 59 0.76 -7.21 23.56
CA ASN A 59 1.61 -8.14 22.82
C ASN A 59 2.44 -8.98 23.78
N ILE A 60 2.45 -10.30 23.55
CA ILE A 60 3.34 -11.15 24.32
C ILE A 60 3.89 -12.30 23.49
N SER A 61 3.19 -12.65 22.41
CA SER A 61 3.66 -13.63 21.43
C SER A 61 4.15 -12.92 20.17
N ALA A 62 5.10 -13.53 19.49
CA ALA A 62 5.77 -12.87 18.38
C ALA A 62 6.21 -11.49 18.84
N HIS A 63 6.95 -11.49 19.94
CA HIS A 63 7.30 -10.29 20.66
C HIS A 63 8.61 -10.57 21.35
N GLY A 64 9.55 -9.63 21.27
CA GLY A 64 10.86 -9.81 21.85
C GLY A 64 11.75 -10.68 20.97
N ASP A 65 12.80 -11.23 21.57
CA ASP A 65 13.85 -11.97 20.88
C ASP A 65 13.42 -13.43 20.66
N ALA A 66 12.32 -13.58 19.91
CA ALA A 66 11.54 -14.82 19.88
C ALA A 66 11.68 -15.63 18.60
N VAL A 67 12.60 -15.25 17.71
CA VAL A 67 12.74 -15.92 16.42
C VAL A 67 14.21 -15.96 16.06
N LYS A 68 14.72 -17.16 15.74
CA LYS A 68 16.10 -17.32 15.44
C LYS A 68 16.28 -18.38 14.35
N PRO A 69 17.00 -18.07 13.28
CA PRO A 69 17.33 -19.10 12.29
C PRO A 69 18.57 -19.89 12.68
N TYR A 70 18.49 -21.21 12.51
CA TYR A 70 19.61 -22.09 12.82
C TYR A 70 19.73 -23.10 11.69
N LYS A 71 20.80 -22.99 10.89
CA LYS A 71 21.02 -23.84 9.73
C LYS A 71 19.78 -23.68 8.85
N HIS A 72 19.11 -24.76 8.45
CA HIS A 72 17.90 -24.71 7.64
C HIS A 72 16.65 -24.60 8.49
N PHE A 73 16.81 -24.42 9.79
CA PHE A 73 15.69 -24.33 10.70
C PHE A 73 15.42 -22.86 10.98
N VAL A 74 14.27 -22.63 11.62
CA VAL A 74 13.98 -21.37 12.29
C VAL A 74 13.29 -21.76 13.59
N PHE A 75 13.78 -21.24 14.70
CA PHE A 75 13.19 -21.53 15.99
C PHE A 75 12.33 -20.35 16.38
N MET A 76 11.18 -20.65 16.96
CA MET A 76 10.27 -19.60 17.38
C MET A 76 9.71 -19.96 18.74
N THR A 77 9.53 -18.94 19.54
CA THR A 77 9.05 -19.09 20.88
C THR A 77 7.71 -18.35 21.01
N TRP A 78 6.81 -18.88 21.84
CA TRP A 78 5.50 -18.24 22.01
C TRP A 78 4.76 -18.80 23.21
N TYR A 79 3.67 -18.10 23.58
CA TYR A 79 2.81 -18.48 24.71
C TYR A 79 1.51 -19.10 24.21
N LYS A 80 1.26 -20.34 24.62
CA LYS A 80 0.05 -21.05 24.23
C LYS A 80 -1.17 -20.18 24.51
N GLY A 81 -2.05 -20.16 23.55
CA GLY A 81 -3.19 -19.27 23.59
C GLY A 81 -4.38 -19.83 24.32
N GLY A 82 -5.23 -18.89 24.71
CA GLY A 82 -6.26 -19.14 25.67
C GLY A 82 -5.81 -18.49 26.96
N LYS A 83 -6.58 -17.51 27.44
CA LYS A 83 -6.31 -16.90 28.73
C LYS A 83 -6.17 -17.94 29.83
N GLU A 84 -6.65 -19.15 29.61
CA GLU A 84 -6.58 -20.23 30.59
C GLU A 84 -5.37 -21.13 30.39
N GLU A 85 -4.57 -20.90 29.35
CA GLU A 85 -3.49 -21.83 29.05
C GLU A 85 -2.13 -21.21 29.36
N ARG A 86 -1.64 -20.37 28.43
CA ARG A 86 -0.48 -19.52 28.63
C ARG A 86 0.85 -20.27 28.72
N ASN A 87 0.89 -21.53 28.30
CA ASN A 87 2.14 -22.29 28.38
C ASN A 87 3.24 -21.70 27.49
N VAL A 88 4.48 -21.74 28.01
CA VAL A 88 5.65 -21.47 27.18
C VAL A 88 5.75 -22.53 26.08
N MET A 89 5.95 -22.07 24.84
CA MET A 89 6.03 -22.97 23.68
C MET A 89 7.32 -22.71 22.92
N LEU A 90 7.85 -23.77 22.32
CA LEU A 90 8.98 -23.66 21.39
C LEU A 90 8.70 -24.49 20.16
N SER A 91 8.82 -23.88 18.99
CA SER A 91 8.58 -24.58 17.73
C SER A 91 9.84 -24.48 16.88
N ARG A 92 10.14 -25.58 16.21
CA ARG A 92 11.22 -25.62 15.22
C ARG A 92 10.58 -25.83 13.86
N PHE A 93 10.92 -24.96 12.92
CA PHE A 93 10.39 -24.99 11.56
C PHE A 93 11.52 -25.45 10.65
N ASN A 94 11.27 -26.51 9.90
CA ASN A 94 12.24 -27.01 8.93
C ASN A 94 11.91 -26.38 7.59
N THR A 95 12.63 -25.32 7.22
CA THR A 95 12.38 -24.65 5.95
C THR A 95 12.64 -25.55 4.75
N LYS A 96 13.29 -26.69 4.93
CA LYS A 96 13.53 -27.60 3.81
C LYS A 96 12.37 -28.59 3.62
N THR A 97 11.85 -29.15 4.71
CA THR A 97 10.74 -30.09 4.66
C THR A 97 9.38 -29.44 4.88
N GLY A 98 9.35 -28.26 5.48
CA GLY A 98 8.10 -27.59 5.77
C GLY A 98 7.47 -27.98 7.09
N VAL A 99 8.12 -28.82 7.89
CA VAL A 99 7.56 -29.37 9.13
C VAL A 99 7.77 -28.39 10.27
N VAL A 100 6.79 -28.31 11.17
CA VAL A 100 6.83 -27.43 12.34
C VAL A 100 6.61 -28.31 13.56
N LYS A 101 7.67 -28.56 14.33
CA LYS A 101 7.58 -29.36 15.54
C LYS A 101 7.66 -28.45 16.76
N THR A 102 6.77 -28.65 17.71
CA THR A 102 6.57 -27.75 18.84
C THR A 102 6.59 -28.51 20.15
N ILE A 103 7.29 -27.95 21.14
CA ILE A 103 7.35 -28.48 22.49
C ILE A 103 6.55 -27.58 23.43
N GLN A 104 5.72 -28.20 24.26
CA GLN A 104 4.96 -27.51 25.29
C GLN A 104 5.68 -27.67 26.64
N PHE A 105 6.07 -26.55 27.23
CA PHE A 105 6.75 -26.48 28.52
C PHE A 105 5.73 -26.36 29.64
N PRO A 106 6.09 -26.67 30.87
CA PRO A 106 5.11 -26.62 31.95
C PRO A 106 4.83 -25.20 32.46
N HIS A 107 5.83 -24.33 32.44
CA HIS A 107 5.63 -22.99 32.95
C HIS A 107 4.58 -22.24 32.15
N ARG A 108 3.69 -21.54 32.85
CA ARG A 108 2.64 -20.74 32.23
C ARG A 108 2.80 -19.28 32.65
N HIS A 109 2.54 -18.36 31.71
CA HIS A 109 2.71 -16.93 31.96
C HIS A 109 2.09 -16.53 33.29
N THR A 110 2.88 -15.86 34.13
CA THR A 110 2.43 -15.57 35.49
C THR A 110 1.91 -14.14 35.65
N GLY A 111 1.96 -13.33 34.61
CA GLY A 111 1.25 -12.07 34.62
C GLY A 111 1.89 -10.95 35.42
N PHE A 112 1.13 -9.87 35.55
CA PHE A 112 1.67 -8.68 36.17
C PHE A 112 1.88 -8.92 37.66
N ARG A 113 3.13 -8.79 38.10
CA ARG A 113 3.53 -9.00 39.50
C ARG A 113 3.10 -10.38 40.03
N GLY A 114 2.87 -11.34 39.13
CA GLY A 114 2.59 -12.70 39.53
C GLY A 114 1.13 -13.11 39.54
N ASP A 115 0.21 -12.25 39.09
CA ASP A 115 -1.21 -12.58 38.98
C ASP A 115 -1.57 -12.91 37.53
N PRO A 116 -1.79 -14.17 37.16
CA PRO A 116 -1.93 -14.52 35.73
C PRO A 116 -3.19 -13.96 35.07
N LEU A 117 -4.06 -13.26 35.79
CA LEU A 117 -5.24 -12.65 35.17
C LEU A 117 -4.92 -11.29 34.56
N VAL A 118 -3.71 -10.78 34.76
CA VAL A 118 -3.30 -9.48 34.24
C VAL A 118 -2.13 -9.70 33.28
N GLY A 119 -2.38 -9.54 31.98
CA GLY A 119 -1.38 -9.78 30.95
C GLY A 119 -0.20 -8.84 31.10
N GLU A 120 1.01 -9.38 31.00
CA GLU A 120 2.25 -8.64 31.28
C GLU A 120 3.14 -8.67 30.04
N SER A 121 3.03 -7.62 29.22
CA SER A 121 3.71 -7.59 27.90
C SER A 121 5.22 -7.51 27.99
N HIS A 122 5.79 -7.23 29.16
CA HIS A 122 7.25 -7.26 29.32
C HIS A 122 7.80 -8.67 29.19
N ASN A 123 6.98 -9.68 29.46
CA ASN A 123 7.47 -11.01 29.83
C ASN A 123 7.65 -11.90 28.59
N THR A 124 8.48 -11.41 27.66
CA THR A 124 8.74 -12.14 26.42
C THR A 124 9.54 -13.41 26.70
N ILE A 125 9.70 -14.21 25.64
CA ILE A 125 10.43 -15.47 25.70
C ILE A 125 11.63 -15.30 24.78
N GLY A 126 12.80 -14.98 25.36
CA GLY A 126 14.01 -14.85 24.56
C GLY A 126 14.57 -16.20 24.16
N LEU A 127 15.31 -16.20 23.06
CA LEU A 127 15.67 -17.44 22.37
C LEU A 127 17.06 -17.36 21.77
N ALA A 128 17.80 -18.44 21.89
CA ALA A 128 19.07 -18.53 21.19
C ALA A 128 19.37 -20.01 20.96
N VAL A 129 20.08 -20.29 19.86
CA VAL A 129 20.62 -21.61 19.59
C VAL A 129 22.12 -21.49 19.33
N SER A 130 22.90 -22.28 20.04
CA SER A 130 24.35 -22.25 19.89
C SER A 130 24.74 -22.93 18.59
N PRO A 131 25.52 -22.28 17.73
CA PRO A 131 26.08 -22.99 16.57
C PRO A 131 27.24 -23.88 16.92
N LEU A 132 27.80 -23.73 18.12
CA LEU A 132 28.91 -24.57 18.51
C LEU A 132 28.44 -25.95 18.96
N ASN A 133 27.31 -26.04 19.69
CA ASN A 133 26.89 -27.35 20.19
C ASN A 133 25.41 -27.62 20.08
N GLY A 134 24.65 -26.80 19.35
CA GLY A 134 23.27 -27.15 19.11
C GLY A 134 22.37 -27.13 20.34
N THR A 135 22.76 -26.42 21.40
CA THR A 135 21.90 -26.29 22.56
C THR A 135 20.93 -25.16 22.36
N ILE A 136 19.75 -25.30 22.94
CA ILE A 136 18.70 -24.28 22.88
C ILE A 136 18.63 -23.59 24.22
N HIS A 137 18.41 -22.28 24.20
CA HIS A 137 18.42 -21.47 25.41
C HIS A 137 17.20 -20.57 25.40
N MET A 138 16.52 -20.50 26.55
CA MET A 138 15.29 -19.73 26.68
C MET A 138 15.31 -19.04 28.04
N VAL A 139 15.11 -17.73 28.02
CA VAL A 139 14.89 -16.96 29.24
C VAL A 139 13.57 -16.30 29.05
N TYR A 140 12.69 -16.38 30.05
CA TYR A 140 11.33 -15.92 29.76
C TYR A 140 10.57 -15.47 31.00
N ASP A 141 9.48 -14.76 30.71
CA ASP A 141 8.44 -14.42 31.69
C ASP A 141 9.05 -13.69 32.89
N MET A 142 9.78 -12.61 32.61
CA MET A 142 10.55 -11.90 33.64
C MET A 142 10.32 -10.40 33.56
N HIS A 143 10.11 -9.78 34.73
CA HIS A 143 10.03 -8.32 34.81
C HIS A 143 10.49 -7.86 36.19
N ALA A 144 11.81 -7.86 36.39
CA ALA A 144 12.45 -7.31 37.59
C ALA A 144 12.07 -8.07 38.85
N TYR A 145 11.91 -9.38 38.73
CA TYR A 145 11.45 -10.18 39.85
C TYR A 145 12.61 -10.50 40.78
N VAL A 146 12.29 -10.60 42.07
CA VAL A 146 13.27 -10.86 43.12
C VAL A 146 12.64 -11.82 44.11
N ASP A 147 13.44 -12.28 45.07
CA ASP A 147 12.87 -12.93 46.25
C ASP A 147 12.29 -11.87 47.16
N ASP A 148 11.02 -12.03 47.53
CA ASP A 148 10.43 -11.22 48.57
C ASP A 148 9.31 -12.02 49.23
N ASP A 149 8.60 -11.38 50.14
CA ASP A 149 7.59 -12.10 50.90
C ASP A 149 6.23 -11.42 50.74
N GLU A 150 5.26 -11.86 51.53
CA GLU A 150 3.87 -11.43 51.37
C GLU A 150 3.73 -9.91 51.39
N THR A 151 4.53 -9.23 52.21
CA THR A 151 4.41 -7.78 52.25
C THR A 151 5.14 -7.07 51.12
N GLY A 152 5.96 -7.79 50.35
CA GLY A 152 6.61 -7.19 49.22
C GLY A 152 5.67 -7.06 48.03
N ARG A 153 6.09 -6.25 47.05
CA ARG A 153 5.23 -6.00 45.89
C ARG A 153 4.90 -7.28 45.13
N PHE A 154 5.71 -8.33 45.25
CA PHE A 154 5.45 -9.57 44.52
C PHE A 154 4.81 -10.64 45.38
N LYS A 155 4.50 -10.31 46.64
CA LYS A 155 3.76 -11.20 47.53
C LYS A 155 4.36 -12.59 47.57
N GLY A 156 5.69 -12.65 47.48
CA GLY A 156 6.41 -13.90 47.55
C GLY A 156 6.23 -14.82 46.37
N ARG A 157 5.71 -14.31 45.24
CA ARG A 157 5.36 -15.22 44.14
C ARG A 157 6.54 -15.68 43.29
N PHE A 158 7.74 -15.12 43.47
CA PHE A 158 8.89 -15.48 42.63
C PHE A 158 10.06 -16.03 43.42
N VAL A 159 9.83 -16.40 44.69
CA VAL A 159 10.87 -16.99 45.51
C VAL A 159 11.45 -18.20 44.79
N ASP A 160 12.78 -18.25 44.69
CA ASP A 160 13.48 -19.34 44.02
C ASP A 160 13.13 -19.42 42.54
N ASP A 161 12.53 -18.37 41.96
CA ASP A 161 12.05 -18.45 40.60
C ASP A 161 11.96 -17.06 39.98
N PHE A 162 12.90 -16.19 40.33
CA PHE A 162 12.89 -14.82 39.83
C PHE A 162 13.70 -14.64 38.54
N PHE A 163 14.45 -15.66 38.13
CA PHE A 163 15.14 -15.69 36.85
C PHE A 163 14.82 -17.05 36.22
N ARG A 164 14.22 -17.05 35.02
CA ARG A 164 13.62 -18.27 34.46
C ARG A 164 14.35 -18.67 33.18
N TYR A 165 15.23 -19.66 33.31
CA TYR A 165 16.09 -20.14 32.23
C TYR A 165 15.80 -21.60 31.96
N SER A 166 15.55 -21.93 30.68
CA SER A 166 15.48 -23.32 30.25
C SER A 166 16.48 -23.56 29.12
N PHE A 167 16.93 -24.80 29.01
CA PHE A 167 18.00 -25.05 28.07
C PHE A 167 18.13 -26.53 27.86
N SER A 168 18.63 -26.90 26.69
CA SER A 168 18.61 -28.26 26.21
C SER A 168 19.98 -28.89 26.36
N VAL A 169 20.02 -30.22 26.26
CA VAL A 169 21.27 -30.93 26.16
C VAL A 169 21.89 -30.56 24.81
N ALA A 170 23.16 -30.92 24.63
CA ALA A 170 23.85 -30.56 23.41
C ALA A 170 23.19 -31.24 22.22
N GLY A 171 23.25 -30.58 21.07
CA GLY A 171 22.76 -31.15 19.82
C GLY A 171 21.26 -31.22 19.67
N ALA A 172 20.49 -30.79 20.67
CA ALA A 172 19.04 -30.87 20.56
C ALA A 172 18.54 -30.14 19.32
N ALA A 173 19.24 -29.10 18.89
CA ALA A 173 18.79 -28.31 17.74
C ALA A 173 18.58 -29.18 16.51
N ASP A 174 19.51 -30.10 16.23
CA ASP A 174 19.50 -30.88 15.00
C ASP A 174 18.78 -32.22 15.13
N VAL A 175 18.08 -32.46 16.23
CA VAL A 175 17.49 -33.77 16.50
C VAL A 175 16.35 -34.05 15.51
N PRO A 176 16.04 -35.30 15.20
CA PRO A 176 14.93 -35.57 14.28
C PRO A 176 13.62 -35.10 14.87
N ASP A 177 12.70 -34.72 13.99
CA ASP A 177 11.37 -34.21 14.37
C ASP A 177 10.76 -35.02 15.52
N ASP A 178 10.86 -36.35 15.43
CA ASP A 178 10.27 -37.23 16.43
C ASP A 178 10.91 -37.05 17.81
N GLU A 179 12.17 -36.64 17.84
CA GLU A 179 12.92 -36.48 19.08
C GLU A 179 12.96 -35.03 19.55
N PHE A 180 12.25 -34.13 18.89
CA PHE A 180 12.24 -32.74 19.32
C PHE A 180 11.10 -32.60 20.32
N THR A 181 11.44 -32.89 21.58
CA THR A 181 10.46 -32.97 22.65
C THR A 181 11.05 -32.38 23.93
N LEU A 182 10.15 -32.08 24.86
CA LEU A 182 10.53 -31.56 26.18
C LEU A 182 11.69 -32.36 26.79
N GLU A 183 11.76 -33.65 26.52
CA GLU A 183 12.81 -34.46 27.15
C GLU A 183 14.21 -34.09 26.70
N GLN A 184 14.36 -33.21 25.72
CA GLN A 184 15.67 -32.70 25.34
C GLN A 184 16.16 -31.61 26.28
N PHE A 185 15.31 -31.15 27.19
CA PHE A 185 15.61 -30.04 28.08
C PHE A 185 15.88 -30.52 29.49
N VAL A 186 16.64 -29.71 30.23
CA VAL A 186 17.26 -30.10 31.49
C VAL A 186 16.40 -29.61 32.65
N LYS A 187 16.01 -30.53 33.53
CA LYS A 187 15.16 -30.18 34.67
C LYS A 187 15.98 -29.43 35.72
N ASP A 188 15.27 -28.67 36.56
CA ASP A 188 15.87 -28.11 37.76
C ASP A 188 15.82 -29.19 38.84
N THR A 189 16.97 -29.79 39.12
CA THR A 189 17.11 -30.75 40.20
C THR A 189 18.01 -30.23 41.31
N SER A 190 18.10 -28.91 41.47
CA SER A 190 18.85 -28.30 42.55
C SER A 190 18.05 -28.34 43.84
N GLU A 191 18.69 -27.90 44.93
CA GLU A 191 17.99 -27.89 46.21
C GLU A 191 16.80 -26.93 46.20
N LEU A 192 16.76 -25.99 45.26
CA LEU A 192 15.63 -25.08 45.15
C LEU A 192 14.55 -25.57 44.20
N SER A 193 14.81 -26.64 43.45
CA SER A 193 13.84 -27.19 42.50
C SER A 193 12.44 -27.22 43.12
N GLN A 194 11.43 -26.97 42.29
CA GLN A 194 10.05 -26.93 42.78
C GLN A 194 9.26 -28.17 42.38
N GLY A 195 9.92 -29.23 41.92
CA GLY A 195 9.21 -30.46 41.59
C GLY A 195 9.66 -31.04 40.26
N ALA A 196 9.00 -32.15 39.89
CA ALA A 196 9.40 -32.90 38.70
C ALA A 196 9.07 -32.21 37.38
N ASP A 197 8.17 -31.21 37.38
CA ASP A 197 7.89 -30.43 36.17
C ASP A 197 8.68 -29.12 36.14
N ASP A 198 9.66 -28.99 37.01
CA ASP A 198 10.48 -27.77 37.11
C ASP A 198 11.57 -27.81 36.05
N TYR A 199 11.42 -26.98 35.00
CA TYR A 199 12.42 -26.81 33.94
C TYR A 199 13.08 -25.43 33.97
N LYS A 200 12.85 -24.66 35.03
CA LYS A 200 13.30 -23.28 35.15
C LYS A 200 14.51 -23.24 36.08
N HIS A 201 15.67 -22.89 35.51
CA HIS A 201 16.88 -22.71 36.30
C HIS A 201 17.02 -21.26 36.75
N LEU A 202 17.52 -21.10 37.99
CA LEU A 202 17.63 -19.81 38.63
C LEU A 202 18.86 -19.06 38.19
N THR A 203 19.86 -19.75 37.66
CA THR A 203 21.04 -19.09 37.13
C THR A 203 21.44 -19.73 35.81
N MET A 204 22.31 -19.04 35.10
CA MET A 204 22.89 -19.53 33.85
C MET A 204 24.30 -20.07 34.03
N THR A 205 24.88 -19.89 35.22
CA THR A 205 26.21 -20.41 35.54
C THR A 205 26.17 -21.83 36.06
N GLY A 206 24.98 -22.32 36.41
CA GLY A 206 24.87 -23.59 37.09
C GLY A 206 25.44 -23.57 38.49
N ASN A 207 25.37 -22.43 39.17
CA ASN A 207 25.83 -22.32 40.54
C ASN A 207 24.88 -21.40 41.30
N LEU A 208 24.04 -21.98 42.16
CA LEU A 208 23.06 -21.18 42.89
C LEU A 208 23.70 -20.05 43.70
N GLN A 209 25.00 -20.12 43.97
CA GLN A 209 25.67 -19.04 44.68
C GLN A 209 25.61 -17.73 43.90
N ASP A 210 25.46 -17.80 42.58
CA ASP A 210 25.36 -16.61 41.73
C ASP A 210 23.95 -16.03 41.67
N LYS A 211 22.99 -16.57 42.42
CA LYS A 211 21.59 -16.22 42.15
C LYS A 211 21.36 -14.72 42.27
N GLU A 212 21.97 -14.08 43.26
CA GLU A 212 21.80 -12.63 43.36
C GLU A 212 22.28 -11.93 42.10
N ASN A 213 23.26 -12.50 41.42
CA ASN A 213 23.73 -11.92 40.18
C ASN A 213 22.67 -11.99 39.07
N PHE A 214 21.62 -12.79 39.24
CA PHE A 214 20.57 -12.90 38.23
C PHE A 214 19.25 -12.32 38.68
N SER A 215 19.27 -11.41 39.65
CA SER A 215 18.05 -10.93 40.27
C SER A 215 17.62 -9.60 39.67
N ALA A 216 16.30 -9.40 39.60
CA ALA A 216 15.71 -8.12 39.20
C ALA A 216 16.04 -7.74 37.74
N LEU A 217 15.88 -8.69 36.82
CA LEU A 217 16.30 -8.49 35.43
C LEU A 217 15.09 -8.59 34.49
N THR A 218 15.24 -7.97 33.32
CA THR A 218 14.15 -7.85 32.36
C THR A 218 14.71 -7.81 30.95
N TYR A 219 13.90 -8.28 29.98
CA TYR A 219 14.24 -8.23 28.55
C TYR A 219 15.40 -9.14 28.15
N PRO A 220 15.22 -10.46 28.07
CA PRO A 220 16.30 -11.31 27.55
C PRO A 220 16.55 -11.01 26.07
N LYS A 221 17.83 -10.93 25.69
CA LYS A 221 18.20 -10.65 24.30
C LYS A 221 19.51 -11.36 23.98
N PHE A 222 19.54 -12.13 22.89
CA PHE A 222 20.71 -12.93 22.51
C PHE A 222 21.33 -12.44 21.20
N TYR A 223 22.64 -12.59 21.13
CA TYR A 223 23.40 -12.41 19.89
C TYR A 223 24.41 -13.55 19.79
N THR A 224 24.88 -13.78 18.59
CA THR A 224 25.95 -14.74 18.34
C THR A 224 27.17 -13.98 17.84
N SER A 225 28.32 -14.19 18.47
CA SER A 225 29.52 -13.51 18.03
C SER A 225 29.94 -14.00 16.64
N ASP A 226 30.86 -13.24 16.02
CA ASP A 226 31.42 -13.66 14.75
C ASP A 226 32.14 -15.00 14.85
N ASP A 227 32.50 -15.43 16.07
CA ASP A 227 33.18 -16.70 16.28
C ASP A 227 32.23 -17.78 16.78
N GLY A 228 30.92 -17.56 16.68
CA GLY A 228 29.93 -18.55 17.11
C GLY A 228 29.62 -18.57 18.58
N GLU A 229 30.12 -17.59 19.35
CA GLU A 229 29.87 -17.51 20.78
C GLU A 229 28.55 -16.80 21.03
N LEU A 230 27.73 -17.39 21.89
CA LEU A 230 26.48 -16.76 22.28
C LEU A 230 26.75 -15.65 23.29
N LEU A 231 26.16 -14.48 23.04
CA LEU A 231 26.14 -13.39 23.99
C LEU A 231 24.70 -13.11 24.42
N HIS A 232 24.57 -12.54 25.61
CA HIS A 232 23.26 -12.35 26.20
C HIS A 232 23.36 -11.09 27.07
N TYR A 233 22.33 -10.24 26.99
CA TYR A 233 22.25 -9.12 27.93
C TYR A 233 20.80 -8.90 28.32
N MET A 234 20.65 -8.29 29.50
CA MET A 234 19.34 -7.95 30.05
C MET A 234 19.44 -6.57 30.67
N ASN A 235 18.28 -6.00 30.97
CA ASN A 235 18.19 -4.73 31.71
C ASN A 235 18.02 -4.99 33.20
N TRP A 236 18.75 -4.23 34.03
CA TRP A 236 18.44 -4.15 35.46
C TRP A 236 17.80 -2.80 35.76
N GLY A 237 16.82 -2.81 36.66
CA GLY A 237 16.21 -1.57 37.07
C GLY A 237 15.34 -0.97 35.97
N GLY A 238 15.28 0.35 35.95
CA GLY A 238 14.54 1.07 34.93
C GLY A 238 14.24 2.49 35.37
N ASN A 239 13.17 3.05 34.80
CA ASN A 239 12.84 4.44 35.01
C ASN A 239 14.10 5.29 34.90
N ASN A 240 14.52 5.90 36.00
CA ASN A 240 15.70 6.76 36.00
C ASN A 240 16.87 6.15 36.76
N ASN A 241 16.91 4.82 36.85
CA ASN A 241 18.03 4.13 37.49
C ASN A 241 18.07 2.71 36.91
N GLY A 242 18.93 2.49 35.91
CA GLY A 242 19.06 1.19 35.30
C GLY A 242 20.49 0.91 34.88
N ALA A 243 20.70 -0.32 34.40
CA ALA A 243 22.01 -0.74 33.91
C ALA A 243 21.82 -1.90 32.93
N TYR A 244 22.77 -2.04 32.02
CA TYR A 244 22.83 -3.20 31.13
C TYR A 244 23.82 -4.20 31.70
N TYR A 245 23.42 -5.48 31.74
CA TYR A 245 24.30 -6.56 32.15
C TYR A 245 24.37 -7.58 31.04
N PHE A 246 25.57 -8.12 30.82
CA PHE A 246 25.78 -9.06 29.73
C PHE A 246 26.67 -10.20 30.20
N ASN A 247 26.54 -11.34 29.52
CA ASN A 247 27.34 -12.51 29.83
C ASN A 247 27.54 -13.30 28.54
N LYS A 248 28.23 -14.43 28.67
CA LYS A 248 28.69 -15.17 27.50
C LYS A 248 28.48 -16.66 27.73
N TYR A 249 28.20 -17.37 26.64
CA TYR A 249 27.97 -18.81 26.74
C TYR A 249 29.30 -19.53 26.56
N ASP A 250 29.66 -20.37 27.53
CA ASP A 250 30.83 -21.23 27.45
C ASP A 250 30.32 -22.58 26.96
N ALA A 251 30.39 -22.80 25.65
CA ALA A 251 29.88 -24.05 25.09
C ALA A 251 30.69 -25.24 25.60
N LYS A 252 32.01 -25.07 25.71
CA LYS A 252 32.86 -26.14 26.20
C LYS A 252 32.29 -26.74 27.48
N ASN A 253 31.84 -25.89 28.39
CA ASN A 253 31.36 -26.35 29.68
C ASN A 253 29.85 -26.34 29.80
N GLN A 254 29.14 -25.80 28.80
CA GLN A 254 27.68 -25.77 28.79
C GLN A 254 27.14 -25.01 30.00
N LYS A 255 27.53 -23.76 30.07
CA LYS A 255 27.05 -22.85 31.10
C LYS A 255 27.46 -21.46 30.66
N TRP A 256 26.86 -20.47 31.29
CA TRP A 256 27.13 -19.08 30.99
C TRP A 256 28.01 -18.48 32.08
N THR A 257 28.71 -17.40 31.72
CA THR A 257 29.41 -16.61 32.72
C THR A 257 28.41 -15.82 33.56
N ARG A 258 28.90 -15.24 34.65
CA ARG A 258 28.08 -14.29 35.40
C ARG A 258 27.88 -13.02 34.57
N PHE A 259 26.81 -12.30 34.89
CA PHE A 259 26.58 -11.01 34.26
C PHE A 259 27.62 -9.98 34.70
N THR A 260 28.12 -9.20 33.75
CA THR A 260 28.91 -8.05 34.14
C THR A 260 28.28 -6.79 33.58
N PRO A 261 28.31 -5.69 34.33
CA PRO A 261 27.63 -4.46 33.91
C PRO A 261 28.35 -3.70 32.81
N PHE A 262 27.55 -3.03 31.97
CA PHE A 262 28.05 -1.99 31.09
C PHE A 262 28.24 -0.68 31.84
N ASN A 263 27.25 -0.31 32.65
CA ASN A 263 27.27 0.89 33.46
C ASN A 263 26.90 0.53 34.88
N HIS A 264 27.35 1.34 35.84
CA HIS A 264 26.92 1.16 37.22
C HIS A 264 25.46 1.57 37.40
N LYS A 265 24.70 0.77 38.11
CA LYS A 265 23.46 1.28 38.69
C LYS A 265 23.81 2.26 39.80
N ASP A 266 22.81 2.97 40.28
CA ASP A 266 22.98 3.95 41.35
C ASP A 266 24.16 4.88 41.05
N GLN A 267 24.14 5.49 39.86
CA GLN A 267 25.29 6.27 39.42
C GLN A 267 25.62 7.39 40.40
N LYS A 268 24.61 7.94 41.08
CA LYS A 268 24.87 9.06 41.98
C LYS A 268 25.75 8.64 43.14
N THR A 269 25.73 7.35 43.50
CA THR A 269 26.64 6.87 44.53
C THR A 269 28.00 6.48 43.97
N HIS A 270 28.13 6.39 42.65
CA HIS A 270 29.39 6.03 42.03
C HIS A 270 30.13 7.24 41.47
N GLY A 271 29.72 8.45 41.84
CA GLY A 271 30.44 9.65 41.45
C GLY A 271 29.72 10.53 40.47
N ASN A 272 28.51 10.15 40.06
CA ASN A 272 27.74 10.95 39.13
C ASN A 272 26.84 11.92 39.90
N ALA A 273 26.51 13.02 39.23
CA ALA A 273 25.59 13.99 39.77
C ALA A 273 24.18 13.44 39.90
N TYR A 274 23.82 12.44 39.11
CA TYR A 274 22.44 11.93 39.16
C TYR A 274 22.40 10.47 38.70
N ASN A 275 21.36 9.79 39.14
CA ASN A 275 21.05 8.50 38.56
C ASN A 275 20.48 8.68 37.15
N TRP A 276 20.61 7.62 36.35
CA TRP A 276 19.97 7.60 35.04
C TRP A 276 19.61 6.18 34.64
N GLY A 277 18.48 6.04 33.93
CA GLY A 277 18.14 4.82 33.25
C GLY A 277 18.50 4.89 31.77
N LEU A 278 18.40 3.76 31.12
CA LEU A 278 18.79 3.61 29.73
C LEU A 278 17.62 3.10 28.91
N TYR A 279 17.38 3.74 27.77
CA TYR A 279 16.31 3.36 26.83
C TYR A 279 16.96 3.20 25.46
N GLY A 280 17.15 1.94 25.08
CA GLY A 280 17.91 1.59 23.89
C GLY A 280 18.27 0.12 23.92
N GLN A 281 19.40 -0.22 23.29
CA GLN A 281 19.82 -1.61 23.22
C GLN A 281 21.33 -1.67 23.13
N MET A 282 21.90 -2.77 23.63
CA MET A 282 23.21 -3.25 23.24
C MET A 282 23.02 -4.13 22.02
N LYS A 283 23.95 -4.06 21.07
CA LYS A 283 23.91 -4.96 19.94
C LYS A 283 25.33 -5.36 19.62
N TYR A 284 25.50 -6.61 19.21
CA TYR A 284 26.75 -7.09 18.62
C TYR A 284 26.67 -6.79 17.13
N ILE A 285 27.56 -5.93 16.64
CA ILE A 285 27.60 -5.51 15.24
C ILE A 285 29.06 -5.34 14.83
N ASN A 286 29.38 -5.76 13.60
CA ASN A 286 30.74 -5.62 13.10
C ASN A 286 31.72 -6.27 14.06
N GLY A 287 31.34 -7.42 14.60
CA GLY A 287 32.20 -8.15 15.52
C GLY A 287 32.45 -7.46 16.85
N LYS A 288 31.69 -6.43 17.20
CA LYS A 288 31.89 -5.75 18.47
C LYS A 288 30.58 -5.63 19.22
N LEU A 289 30.65 -5.90 20.52
CA LEU A 289 29.54 -5.54 21.38
C LEU A 289 29.46 -4.03 21.44
N ARG A 290 28.28 -3.48 21.23
CA ARG A 290 28.09 -2.04 21.20
C ARG A 290 26.79 -1.74 21.93
N VAL A 291 26.59 -0.46 22.24
CA VAL A 291 25.37 0.00 22.88
C VAL A 291 24.97 1.34 22.26
N GLY A 292 23.66 1.56 22.17
CA GLY A 292 23.15 2.85 21.74
C GLY A 292 21.86 3.14 22.46
N PHE A 293 21.72 4.32 23.05
CA PHE A 293 20.56 4.53 23.91
C PHE A 293 20.35 5.99 24.19
N GLN A 294 19.15 6.30 24.69
CA GLN A 294 18.84 7.57 25.29
C GLN A 294 18.71 7.36 26.80
N GLN A 295 19.15 8.33 27.60
CA GLN A 295 19.13 8.20 29.05
C GLN A 295 17.84 8.79 29.62
N ARG A 296 17.49 8.35 30.83
CA ARG A 296 16.49 9.06 31.63
C ARG A 296 17.15 9.48 32.95
N SER A 297 17.58 10.73 33.04
CA SER A 297 18.12 11.21 34.29
C SER A 297 17.03 11.25 35.35
N ALA A 298 17.42 11.01 36.61
CA ALA A 298 16.50 11.21 37.74
C ALA A 298 16.23 12.67 38.02
N ASN A 299 16.96 13.59 37.38
CA ASN A 299 16.64 15.02 37.53
C ASN A 299 15.27 15.30 36.91
N ASN A 300 14.37 15.87 37.71
CA ASN A 300 13.01 16.21 37.33
C ASN A 300 12.77 17.71 37.27
N ASP A 301 13.84 18.51 37.30
CA ASP A 301 13.70 19.95 37.22
C ASP A 301 14.28 20.52 35.94
N ASP A 302 14.93 19.70 35.12
CA ASP A 302 15.44 20.13 33.83
C ASP A 302 14.32 20.03 32.80
N ARG A 303 14.65 20.34 31.54
CA ARG A 303 13.65 20.48 30.49
C ARG A 303 13.09 19.14 29.97
N PHE A 304 13.69 18.01 30.32
CA PHE A 304 13.33 16.72 29.72
C PHE A 304 12.42 15.92 30.65
N LYS A 305 11.16 15.72 30.25
CA LYS A 305 10.25 14.95 31.10
C LYS A 305 10.75 13.53 31.29
N TYR A 306 11.23 12.91 30.21
CA TYR A 306 11.72 11.52 30.27
C TYR A 306 13.13 11.46 29.72
N GLN A 307 13.29 10.93 28.50
CA GLN A 307 14.64 10.71 28.03
C GLN A 307 15.26 11.99 27.50
N ASN A 308 16.59 11.96 27.35
CA ASN A 308 17.31 12.99 26.60
C ASN A 308 18.57 12.36 26.03
N GLY A 309 19.15 13.04 25.04
CA GLY A 309 20.43 12.64 24.54
C GLY A 309 20.39 11.40 23.68
N VAL A 310 21.44 11.23 22.90
CA VAL A 310 21.75 9.99 22.22
C VAL A 310 23.16 9.60 22.61
N TYR A 311 23.35 8.35 23.01
CA TYR A 311 24.59 7.88 23.57
C TYR A 311 25.02 6.61 22.83
N TYR A 312 26.33 6.44 22.66
CA TYR A 312 26.82 5.31 21.88
C TYR A 312 28.25 4.94 22.31
N ALA A 313 28.53 3.64 22.35
CA ALA A 313 29.89 3.19 22.61
C ALA A 313 30.07 1.76 22.11
N TYR A 314 31.32 1.38 21.95
CA TYR A 314 31.64 0.01 21.54
C TYR A 314 32.83 -0.48 22.35
N SER A 315 32.93 -1.80 22.45
CA SER A 315 33.99 -2.44 23.19
C SER A 315 34.90 -3.17 22.23
N ASP A 316 36.21 -2.93 22.35
CA ASP A 316 37.18 -3.71 21.61
C ASP A 316 37.50 -5.04 22.29
N HIS A 317 36.89 -5.32 23.33
CA HIS A 317 37.16 -6.60 23.93
C HIS A 317 36.16 -7.62 23.40
N PRO A 318 36.61 -8.79 22.97
CA PRO A 318 35.67 -9.76 22.36
C PRO A 318 34.42 -10.00 23.19
N ASP A 319 34.57 -10.06 24.52
CA ASP A 319 33.45 -10.33 25.41
C ASP A 319 32.84 -9.07 26.01
N GLY A 320 33.35 -7.89 25.66
CA GLY A 320 32.85 -6.66 26.24
C GLY A 320 33.40 -6.34 27.62
N LEU A 321 34.38 -7.10 28.11
CA LEU A 321 34.95 -6.87 29.44
C LEU A 321 36.05 -5.80 29.35
N GLY A 322 35.63 -4.55 29.17
CA GLY A 322 36.56 -3.44 29.13
C GLY A 322 36.90 -2.99 27.72
N ASN A 323 37.86 -2.05 27.65
CA ASN A 323 38.32 -1.47 26.38
C ASN A 323 37.14 -0.88 25.62
N TRP A 324 36.30 -0.14 26.34
CA TRP A 324 35.19 0.56 25.72
C TRP A 324 35.65 1.94 25.23
N LYS A 325 34.99 2.43 24.17
CA LYS A 325 35.33 3.71 23.54
C LYS A 325 34.06 4.34 23.01
N ASN A 326 34.07 5.68 22.91
CA ASN A 326 32.94 6.39 22.34
C ASN A 326 33.14 6.48 20.82
N VAL A 327 32.24 7.20 20.14
CA VAL A 327 32.26 7.18 18.68
C VAL A 327 33.58 7.73 18.13
N ASP A 328 34.27 8.57 18.87
CA ASP A 328 35.53 9.15 18.44
C ASP A 328 36.73 8.30 18.84
N GLY A 329 36.52 7.11 19.37
CA GLY A 329 37.64 6.30 19.79
C GLY A 329 38.27 6.68 21.10
N GLU A 330 37.63 7.58 21.88
CA GLU A 330 38.18 7.94 23.17
C GLU A 330 37.81 6.89 24.20
N ASP A 331 38.74 6.56 25.07
CA ASP A 331 38.50 5.54 26.06
C ASP A 331 37.35 5.92 26.98
N MET A 332 36.52 4.94 27.31
CA MET A 332 35.35 5.13 28.15
C MET A 332 35.59 4.53 29.53
N THR A 333 35.29 5.32 30.57
CA THR A 333 35.23 4.76 31.92
C THR A 333 34.30 3.56 31.94
N TRP A 334 34.80 2.43 32.43
CA TRP A 334 33.99 1.22 32.45
C TRP A 334 34.17 0.46 33.75
N PRO A 335 33.07 0.06 34.41
CA PRO A 335 31.69 0.38 34.01
C PRO A 335 31.40 1.89 34.01
N LEU A 336 30.57 2.32 33.07
CA LEU A 336 30.31 3.75 32.88
C LEU A 336 29.56 4.36 34.07
N VAL A 337 29.96 5.56 34.47
CA VAL A 337 29.26 6.32 35.50
C VAL A 337 28.54 7.54 34.91
N ASN A 338 29.23 8.32 34.10
CA ASN A 338 28.73 9.60 33.62
C ASN A 338 28.40 9.48 32.13
N SER A 339 27.12 9.55 31.78
CA SER A 339 26.78 9.37 30.38
C SER A 339 27.42 10.42 29.47
N ASP A 340 27.92 11.54 30.03
CA ASP A 340 28.49 12.55 29.12
C ASP A 340 29.63 11.99 28.30
N GLU A 341 30.36 10.98 28.79
CA GLU A 341 31.54 10.51 28.07
C GLU A 341 31.20 10.04 26.67
N ILE A 342 29.97 9.58 26.46
CA ILE A 342 29.64 8.94 25.20
C ILE A 342 28.48 9.60 24.50
N LYS A 343 28.20 10.86 24.83
CA LYS A 343 27.07 11.57 24.23
C LYS A 343 27.42 11.98 22.81
N ILE A 344 26.53 11.69 21.88
CA ILE A 344 26.70 12.09 20.48
C ILE A 344 26.12 13.48 20.25
N PHE A 345 24.86 13.65 20.61
CA PHE A 345 24.19 14.92 20.40
C PHE A 345 22.93 14.90 21.25
N GLU A 346 22.22 16.02 21.23
CA GLU A 346 21.04 16.21 22.06
C GLU A 346 19.81 16.38 21.18
N PRO A 347 18.93 15.39 21.08
CA PRO A 347 17.69 15.60 20.33
C PRO A 347 16.89 16.74 20.88
N GLY A 348 17.00 17.01 22.18
CA GLY A 348 16.25 18.11 22.77
C GLY A 348 16.53 19.45 22.10
N ASP A 349 17.71 19.59 21.48
CA ASP A 349 18.07 20.84 20.83
C ASP A 349 17.19 21.15 19.63
N TYR A 350 16.39 20.20 19.15
CA TYR A 350 15.63 20.38 17.94
C TYR A 350 14.20 20.82 18.22
N ILE A 351 13.89 21.09 19.47
CA ILE A 351 12.61 21.65 19.84
C ILE A 351 12.94 22.87 20.68
N ASP A 352 12.08 23.87 20.63
CA ASP A 352 12.46 25.19 21.11
C ASP A 352 12.19 25.41 22.61
N HIS A 353 11.68 24.43 23.35
CA HIS A 353 11.26 24.66 24.73
C HIS A 353 12.43 24.50 25.71
N THR A 354 12.41 25.29 26.79
CA THR A 354 13.41 25.16 27.84
C THR A 354 12.84 25.05 29.25
N ALA A 355 11.54 25.30 29.44
CA ALA A 355 10.96 25.21 30.76
C ALA A 355 11.04 23.77 31.27
N PRO A 356 11.06 23.57 32.58
CA PRO A 356 11.20 22.21 33.11
C PRO A 356 10.12 21.26 32.58
N ASN A 357 10.54 20.07 32.16
CA ASN A 357 9.69 18.98 31.70
C ASN A 357 8.93 19.29 30.42
N SER A 358 9.30 20.34 29.71
CA SER A 358 8.60 20.75 28.50
C SER A 358 8.95 19.90 27.27
N VAL A 359 10.03 19.13 27.30
CA VAL A 359 10.52 18.39 26.14
C VAL A 359 10.33 16.90 26.37
N HIS A 360 9.61 16.25 25.46
CA HIS A 360 9.17 14.87 25.62
C HIS A 360 9.87 13.98 24.59
N ILE A 361 10.69 13.06 25.07
CA ILE A 361 11.39 12.09 24.25
C ILE A 361 11.14 10.72 24.84
N VAL A 362 10.41 9.87 24.11
CA VAL A 362 10.16 8.50 24.52
C VAL A 362 10.27 7.52 23.36
N THR A 363 9.27 7.55 22.46
CA THR A 363 9.20 6.62 21.34
C THR A 363 10.12 7.06 20.21
N GLY A 364 10.36 6.15 19.29
CA GLY A 364 11.00 6.49 18.05
C GLY A 364 12.50 6.39 18.01
N PHE A 365 13.13 5.73 18.99
CA PHE A 365 14.59 5.65 19.02
C PHE A 365 15.09 4.28 18.60
N ASP A 366 16.12 4.28 17.76
CA ASP A 366 16.87 3.06 17.47
C ASP A 366 18.17 3.51 16.80
N TRP A 367 19.04 2.54 16.52
CA TRP A 367 20.34 2.85 15.96
C TRP A 367 20.89 1.59 15.32
N THR A 368 21.92 1.78 14.49
CA THR A 368 22.56 0.63 13.87
C THR A 368 23.90 1.07 13.30
N VAL A 369 24.75 0.11 13.00
CA VAL A 369 26.02 0.36 12.34
C VAL A 369 26.09 -0.59 11.17
N THR A 370 26.28 -0.04 9.97
CA THR A 370 26.32 -0.88 8.77
C THR A 370 27.60 -1.70 8.73
N GLU A 371 27.59 -2.73 7.89
CA GLU A 371 28.82 -3.50 7.69
C GLU A 371 29.96 -2.62 7.20
N ASN A 372 29.65 -1.45 6.62
CA ASN A 372 30.64 -0.51 6.14
C ASN A 372 31.00 0.54 7.17
N ASP A 373 30.50 0.40 8.40
CA ASP A 373 30.82 1.31 9.49
C ASP A 373 30.15 2.68 9.34
N ASP A 374 29.00 2.73 8.67
CA ASP A 374 28.10 3.86 8.79
C ASP A 374 27.35 3.74 10.10
N VAL A 375 27.27 4.84 10.84
CA VAL A 375 26.59 4.90 12.14
C VAL A 375 25.29 5.68 11.99
N HIS A 376 24.18 5.09 12.43
CA HIS A 376 22.87 5.67 12.20
C HIS A 376 22.06 5.71 13.48
N PHE A 377 21.47 6.86 13.78
CA PHE A 377 20.52 7.00 14.87
C PHE A 377 19.24 7.63 14.36
N ILE A 378 18.11 7.13 14.83
CA ILE A 378 16.84 7.77 14.61
C ILE A 378 16.19 8.04 15.96
N THR A 379 15.46 9.14 16.04
CA THR A 379 14.80 9.46 17.29
C THR A 379 13.65 10.42 16.98
N HIS A 380 13.02 10.93 18.03
CA HIS A 380 11.77 11.65 17.89
C HIS A 380 11.59 12.51 19.12
N VAL A 381 11.18 13.76 18.92
CA VAL A 381 11.06 14.74 20.00
C VAL A 381 9.76 15.50 19.82
N ARG A 382 9.06 15.77 20.92
CA ARG A 382 7.84 16.56 20.82
C ARG A 382 7.62 17.33 22.12
N SER A 383 6.73 18.31 22.03
CA SER A 383 6.28 19.03 23.21
C SER A 383 5.62 18.07 24.19
N THR A 384 6.00 18.17 25.46
CA THR A 384 5.28 17.42 26.48
C THR A 384 3.81 17.82 26.51
N ASP A 385 3.53 19.12 26.43
CA ASP A 385 2.15 19.63 26.49
C ASP A 385 1.56 19.61 25.10
N THR A 386 0.70 18.62 24.87
CA THR A 386 0.15 18.41 23.53
C THR A 386 -0.82 19.51 23.12
N LYS A 387 -1.28 20.31 24.06
CA LYS A 387 -2.33 21.27 23.78
C LYS A 387 -1.80 22.66 23.48
N ARG A 388 -0.53 22.94 23.71
CA ARG A 388 -0.03 24.29 23.55
C ARG A 388 -0.15 24.71 22.08
N SER A 389 -0.32 26.02 21.87
CA SER A 389 -0.50 26.55 20.52
C SER A 389 0.78 26.43 19.71
N ASP A 390 1.94 26.58 20.36
CA ASP A 390 3.21 26.34 19.68
C ASP A 390 3.67 24.90 19.82
N TYR A 391 2.77 23.94 19.66
CA TYR A 391 3.17 22.54 19.71
C TYR A 391 4.20 22.26 18.62
N LYS A 392 5.23 21.50 18.98
CA LYS A 392 6.30 21.15 18.06
C LYS A 392 6.56 19.65 18.10
N GLU A 393 6.83 19.08 16.93
CA GLU A 393 7.09 17.65 16.86
C GLU A 393 8.01 17.38 15.69
N VAL A 394 9.10 16.65 15.91
CA VAL A 394 10.00 16.29 14.83
C VAL A 394 10.49 14.86 14.99
N SER A 395 10.82 14.26 13.86
CA SER A 395 11.60 13.02 13.82
C SER A 395 12.97 13.37 13.30
N ILE A 396 13.99 12.71 13.82
CA ILE A 396 15.37 13.07 13.54
C ILE A 396 16.10 11.85 13.04
N HIS A 397 16.96 12.05 12.04
CA HIS A 397 17.88 11.00 11.60
C HIS A 397 19.29 11.55 11.66
N ALA A 398 20.11 10.94 12.51
CA ALA A 398 21.49 11.35 12.64
C ALA A 398 22.36 10.21 12.16
N PHE A 399 23.24 10.52 11.22
CA PHE A 399 24.07 9.46 10.66
C PHE A 399 25.42 10.05 10.32
N LYS A 400 26.45 9.23 10.45
CA LYS A 400 27.81 9.62 10.13
C LYS A 400 28.31 8.64 9.08
N PRO A 401 28.35 9.03 7.80
CA PRO A 401 28.90 8.14 6.77
C PRO A 401 30.27 7.63 7.19
N ALA A 402 30.61 6.45 6.65
CA ALA A 402 31.80 5.71 7.05
C ALA A 402 33.00 6.61 7.32
N ASN A 403 33.45 7.32 6.30
CA ASN A 403 34.71 8.05 6.41
C ASN A 403 34.52 9.50 6.78
N ALA A 404 33.30 9.91 7.13
CA ALA A 404 33.00 11.31 7.42
C ALA A 404 33.49 11.69 8.81
N VAL A 405 33.56 12.99 9.04
CA VAL A 405 34.07 13.52 10.30
C VAL A 405 32.96 13.72 11.32
N ASP A 406 31.87 14.34 10.91
CA ASP A 406 30.79 14.69 11.82
C ASP A 406 29.51 14.01 11.36
N PHE A 407 28.54 14.00 12.26
CA PHE A 407 27.25 13.43 11.93
C PHE A 407 26.45 14.42 11.09
N THR A 408 25.72 13.89 10.11
CA THR A 408 24.64 14.62 9.48
C THR A 408 23.36 14.38 10.30
N ILE A 409 22.71 15.46 10.70
CA ILE A 409 21.54 15.42 11.57
C ILE A 409 20.44 16.17 10.86
N THR A 410 19.36 15.46 10.51
CA THR A 410 18.27 16.09 9.76
C THR A 410 16.92 15.75 10.38
N THR A 411 15.99 16.69 10.26
CA THR A 411 14.58 16.43 10.54
C THR A 411 13.80 16.10 9.26
N ASP A 412 14.47 15.99 8.12
CA ASP A 412 13.79 15.58 6.88
C ASP A 412 13.65 14.07 6.87
N PHE A 413 12.78 13.58 7.74
CA PHE A 413 12.72 12.18 8.07
C PHE A 413 11.38 11.90 8.73
N THR A 414 10.76 10.80 8.34
CA THR A 414 9.39 10.55 8.75
C THR A 414 9.26 9.88 10.12
N GLY A 415 10.31 9.29 10.66
CA GLY A 415 10.21 8.59 11.94
C GLY A 415 9.94 7.11 11.76
N ALA A 416 10.48 6.31 12.68
CA ALA A 416 10.26 4.86 12.71
C ALA A 416 10.59 4.35 14.10
N ASP A 417 10.20 3.11 14.35
CA ASP A 417 10.49 2.51 15.64
C ASP A 417 11.77 1.69 15.64
N SER A 418 12.23 1.26 14.48
CA SER A 418 13.47 0.50 14.45
C SER A 418 14.18 0.87 13.18
N ILE A 419 15.46 0.52 13.15
CA ILE A 419 16.24 0.61 11.94
C ILE A 419 17.12 -0.62 11.92
N TYR A 420 17.27 -1.22 10.74
CA TYR A 420 17.99 -2.46 10.51
C TYR A 420 19.01 -2.24 9.42
N THR A 421 19.95 -3.18 9.29
CA THR A 421 20.95 -3.04 8.26
C THR A 421 21.31 -4.41 7.72
N SER A 422 21.72 -4.43 6.47
CA SER A 422 22.18 -5.64 5.82
C SER A 422 22.92 -5.25 4.57
N GLY A 423 24.07 -5.85 4.34
CA GLY A 423 24.85 -5.49 3.16
C GLY A 423 25.16 -4.00 3.18
N ASP A 424 24.89 -3.32 2.07
CA ASP A 424 25.22 -1.92 1.93
C ASP A 424 24.07 -0.99 2.33
N SER A 425 23.05 -1.50 3.02
CA SER A 425 21.81 -0.75 3.17
C SER A 425 21.33 -0.73 4.62
N ILE A 426 20.48 0.25 4.89
CA ILE A 426 19.69 0.32 6.11
C ILE A 426 18.22 0.22 5.72
N PHE A 427 17.44 -0.33 6.63
CA PHE A 427 16.04 -0.63 6.32
C PHE A 427 15.15 -0.13 7.44
N ILE A 428 13.96 0.33 7.05
CA ILE A 428 12.84 0.45 7.96
C ILE A 428 11.84 -0.62 7.55
N ILE A 429 11.40 -1.41 8.53
CA ILE A 429 10.52 -2.54 8.29
C ILE A 429 9.43 -2.52 9.35
N GLY A 430 8.19 -2.64 8.92
CA GLY A 430 7.08 -2.68 9.84
C GLY A 430 5.79 -3.04 9.15
N LEU A 431 4.68 -2.70 9.80
CA LEU A 431 3.33 -2.98 9.34
C LEU A 431 2.65 -1.69 8.93
N LYS A 432 1.93 -1.72 7.81
CA LYS A 432 1.15 -0.58 7.36
C LYS A 432 -0.21 -1.11 6.94
N ASN A 433 -1.25 -0.72 7.65
CA ASN A 433 -2.60 -1.23 7.38
C ASN A 433 -2.64 -2.76 7.47
N GLY A 434 -1.79 -3.31 8.33
CA GLY A 434 -1.80 -4.72 8.63
C GLY A 434 -0.86 -5.55 7.79
N TYR A 435 -0.15 -4.93 6.86
CA TYR A 435 0.69 -5.59 5.90
C TYR A 435 2.13 -5.12 6.01
N PRO A 436 3.10 -6.04 6.00
CA PRO A 436 4.51 -5.64 6.04
C PRO A 436 4.91 -4.78 4.85
N PHE A 437 5.77 -3.79 5.11
CA PHE A 437 6.48 -3.00 4.10
C PHE A 437 7.96 -2.95 4.47
N VAL A 438 8.81 -2.65 3.49
CA VAL A 438 10.24 -2.43 3.67
C VAL A 438 10.63 -1.12 3.01
N GLU A 439 11.29 -0.25 3.76
CA GLU A 439 11.94 0.91 3.17
C GLU A 439 13.43 0.67 3.20
N LYS A 440 14.11 1.13 2.16
CA LYS A 440 15.52 0.86 2.00
C LYS A 440 16.27 2.13 1.62
N ALA A 441 17.48 2.28 2.15
CA ALA A 441 18.36 3.38 1.79
C ALA A 441 19.79 2.86 1.82
N LYS A 442 20.68 3.53 1.09
CA LYS A 442 22.09 3.20 1.22
C LYS A 442 22.61 3.54 2.61
N GLY A 443 23.55 2.74 3.08
CA GLY A 443 24.24 3.06 4.32
C GLY A 443 24.90 4.42 4.23
N GLY A 444 24.82 5.19 5.30
CA GLY A 444 25.37 6.53 5.30
C GLY A 444 24.55 7.56 4.57
N SER A 445 23.27 7.28 4.30
CA SER A 445 22.42 8.24 3.64
C SER A 445 21.08 8.33 4.36
N ASN A 446 20.32 9.36 3.99
CA ASN A 446 18.95 9.58 4.43
C ASN A 446 17.96 9.34 3.28
N ASP A 447 18.35 8.53 2.30
CA ASP A 447 17.59 8.38 1.04
C ASP A 447 16.70 7.14 1.09
N PHE A 448 15.68 7.20 1.93
CA PHE A 448 14.77 6.07 2.10
C PHE A 448 13.76 6.02 0.96
N GLU A 449 13.41 4.81 0.55
CA GLU A 449 12.34 4.60 -0.42
C GLU A 449 11.61 3.32 -0.06
N VAL A 450 10.27 3.37 -0.15
CA VAL A 450 9.48 2.15 -0.02
C VAL A 450 9.81 1.25 -1.21
N VAL A 451 10.41 0.10 -0.95
CA VAL A 451 10.72 -0.84 -2.03
C VAL A 451 9.91 -2.12 -1.93
N TYR A 452 8.98 -2.21 -0.98
CA TYR A 452 8.21 -3.43 -0.80
C TYR A 452 7.02 -3.19 0.11
N GLN A 453 5.86 -3.68 -0.30
CA GLN A 453 4.63 -3.50 0.48
C GLN A 453 3.71 -4.67 0.16
N GLN A 454 3.55 -5.60 1.09
CA GLN A 454 2.55 -6.63 0.88
C GLN A 454 1.18 -5.97 0.74
N ALA A 455 0.32 -6.56 -0.10
CA ALA A 455 -0.97 -5.95 -0.37
C ALA A 455 -2.14 -6.92 -0.42
N SER A 456 -1.95 -8.20 -0.16
CA SER A 456 -3.07 -9.11 -0.05
C SER A 456 -2.73 -10.18 0.95
N GLY A 457 -3.78 -10.82 1.47
CA GLY A 457 -3.64 -11.85 2.46
C GLY A 457 -4.15 -11.42 3.83
N VAL A 458 -4.17 -12.38 4.74
CA VAL A 458 -4.54 -12.07 6.10
C VAL A 458 -3.59 -11.00 6.62
N LYS A 459 -4.14 -10.08 7.40
CA LYS A 459 -3.38 -8.98 7.98
C LYS A 459 -2.87 -9.35 9.37
N PHE A 460 -1.94 -8.56 9.86
CA PHE A 460 -1.20 -8.88 11.07
C PHE A 460 -1.38 -7.79 12.12
N ASP A 461 -1.45 -8.21 13.38
CA ASP A 461 -1.57 -7.29 14.50
C ASP A 461 -0.23 -6.68 14.90
N HIS A 462 0.82 -7.49 14.92
CA HIS A 462 2.13 -7.09 15.43
C HIS A 462 3.13 -8.19 15.12
N GLY A 463 4.39 -7.90 15.37
CA GLY A 463 5.40 -8.90 15.08
C GLY A 463 6.74 -8.46 15.61
N THR A 464 7.73 -9.31 15.36
CA THR A 464 9.11 -9.01 15.71
C THR A 464 9.99 -9.53 14.57
N ILE A 465 11.13 -8.87 14.40
CA ILE A 465 11.98 -9.08 13.24
C ILE A 465 13.36 -9.48 13.71
N HIS A 466 13.99 -10.40 12.98
CA HIS A 466 15.39 -10.75 13.16
C HIS A 466 16.06 -10.70 11.78
N ILE A 467 17.18 -9.98 11.69
CA ILE A 467 17.92 -9.84 10.43
C ILE A 467 19.07 -10.82 10.40
N GLU A 468 19.21 -11.52 9.27
CA GLU A 468 20.31 -12.45 9.02
C GLU A 468 20.25 -12.97 7.60
N ASN A 469 21.41 -13.33 7.02
CA ASN A 469 21.47 -13.97 5.69
C ASN A 469 20.89 -13.08 4.59
N GLY A 470 21.01 -11.76 4.74
CA GLY A 470 20.37 -10.90 3.77
C GLY A 470 18.86 -11.06 3.76
N LYS A 471 18.30 -11.61 4.82
CA LYS A 471 16.86 -11.83 4.94
C LYS A 471 16.34 -11.22 6.21
N ALA A 472 15.05 -10.86 6.21
CA ALA A 472 14.34 -10.44 7.40
C ALA A 472 13.37 -11.54 7.78
N TYR A 473 13.50 -12.05 9.01
CA TYR A 473 12.57 -13.05 9.51
C TYR A 473 11.53 -12.31 10.33
N TYR A 474 10.33 -12.20 9.78
CA TYR A 474 9.25 -11.43 10.36
C TYR A 474 8.28 -12.41 11.01
N TYR A 475 8.41 -12.57 12.33
CA TYR A 475 7.59 -13.46 13.14
C TYR A 475 6.36 -12.67 13.57
N LEU A 476 5.18 -13.06 13.08
CA LEU A 476 4.01 -12.20 13.11
C LEU A 476 2.82 -12.91 13.73
N MET A 477 1.93 -12.10 14.33
CA MET A 477 0.63 -12.58 14.79
C MET A 477 -0.48 -12.01 13.91
N GLU A 478 -1.42 -12.87 13.55
CA GLU A 478 -2.52 -12.53 12.67
C GLU A 478 -3.59 -11.75 13.44
N LYS A 479 -4.22 -10.79 12.77
CA LYS A 479 -5.32 -10.04 13.38
C LYS A 479 -6.48 -10.96 13.71
N GLY A 480 -7.24 -10.58 14.71
CA GLY A 480 -8.42 -11.33 15.05
C GLY A 480 -8.88 -11.02 16.46
N ALA A 481 -9.98 -11.67 16.82
CA ALA A 481 -10.61 -11.48 18.11
C ALA A 481 -10.13 -12.53 19.11
N GLY A 482 -10.27 -12.21 20.39
CA GLY A 482 -9.97 -13.19 21.41
C GLY A 482 -8.52 -13.17 21.83
N ASN A 483 -8.18 -14.13 22.68
CA ASN A 483 -6.85 -14.23 23.27
C ASN A 483 -6.09 -15.48 22.80
N ALA A 484 -6.46 -16.06 21.67
CA ALA A 484 -5.72 -17.17 21.07
C ALA A 484 -5.69 -16.97 19.56
N LEU A 485 -4.59 -16.40 19.06
CA LEU A 485 -4.47 -16.01 17.66
C LEU A 485 -3.35 -16.77 16.95
N PRO A 486 -3.42 -16.87 15.64
CA PRO A 486 -2.40 -17.62 14.90
C PRO A 486 -1.14 -16.79 14.69
N LEU A 487 -0.05 -17.50 14.45
CA LEU A 487 1.26 -16.91 14.22
C LEU A 487 1.79 -17.39 12.88
N HIS A 488 2.46 -16.50 12.17
CA HIS A 488 3.08 -16.85 10.91
C HIS A 488 4.53 -16.39 10.92
N LEU A 489 5.36 -17.12 10.21
CA LEU A 489 6.72 -16.68 9.92
C LEU A 489 6.81 -16.30 8.46
N GLN A 490 7.25 -15.06 8.18
CA GLN A 490 7.60 -14.62 6.84
C GLN A 490 9.10 -14.47 6.74
N VAL A 491 9.69 -15.04 5.70
CA VAL A 491 11.10 -14.86 5.37
C VAL A 491 11.14 -13.94 4.17
N ILE A 492 11.64 -12.73 4.38
CA ILE A 492 11.69 -11.71 3.35
C ILE A 492 13.13 -11.55 2.91
N ASP A 493 13.38 -11.75 1.62
CA ASP A 493 14.70 -11.49 1.07
C ASP A 493 14.84 -9.99 0.84
N LEU A 494 15.93 -9.41 1.34
CA LEU A 494 16.11 -7.97 1.28
C LEU A 494 16.86 -7.50 0.02
N GLY A 495 17.28 -8.42 -0.83
CA GLY A 495 17.96 -8.02 -2.06
C GLY A 495 19.37 -7.50 -1.86
N VAL A 496 20.13 -8.09 -0.94
CA VAL A 496 21.49 -7.62 -0.68
C VAL A 496 22.50 -8.77 -0.69
N THR B 15 -19.75 -16.01 -44.87
CA THR B 15 -20.88 -15.27 -45.41
C THR B 15 -21.52 -14.34 -44.37
N SER B 16 -20.70 -13.83 -43.44
CA SER B 16 -21.20 -13.10 -42.29
C SER B 16 -21.65 -11.67 -42.60
N GLY B 17 -21.32 -11.14 -43.78
CA GLY B 17 -21.59 -9.75 -44.08
C GLY B 17 -20.57 -8.76 -43.57
N VAL B 18 -19.69 -9.15 -42.65
CA VAL B 18 -18.70 -8.23 -42.10
C VAL B 18 -17.59 -8.06 -43.11
N LEU B 19 -17.34 -6.82 -43.54
CA LEU B 19 -16.33 -6.56 -44.53
C LEU B 19 -15.84 -5.13 -44.36
N LEU B 20 -14.61 -4.88 -44.79
CA LEU B 20 -13.99 -3.56 -44.72
C LEU B 20 -14.45 -2.72 -45.89
N GLU B 21 -15.05 -1.56 -45.61
CA GLU B 21 -15.46 -0.63 -46.66
C GLU B 21 -14.33 0.30 -47.08
N SER B 22 -13.62 0.89 -46.13
CA SER B 22 -12.59 1.87 -46.45
C SER B 22 -11.51 1.85 -45.38
N GLN B 23 -10.28 2.12 -45.79
CA GLN B 23 -9.19 2.45 -44.88
C GLN B 23 -8.54 3.71 -45.39
N THR B 24 -8.47 4.74 -44.56
CA THR B 24 -8.04 6.07 -44.95
C THR B 24 -6.96 6.56 -44.00
N LYS B 25 -5.82 6.93 -44.56
CA LYS B 25 -4.79 7.56 -43.77
C LYS B 25 -5.23 8.96 -43.37
N ILE B 26 -5.04 9.31 -42.10
CA ILE B 26 -5.42 10.61 -41.61
C ILE B 26 -4.20 11.51 -41.45
N THR B 27 -3.08 10.95 -41.01
CA THR B 27 -1.84 11.69 -40.86
C THR B 27 -0.70 10.71 -40.71
N ASP B 28 0.52 11.20 -40.93
CA ASP B 28 1.70 10.40 -40.68
C ASP B 28 2.25 10.59 -39.27
N GLY B 29 1.84 11.64 -38.58
CA GLY B 29 2.43 11.90 -37.28
C GLY B 29 1.44 12.31 -36.21
N ALA B 30 0.80 11.34 -35.57
CA ALA B 30 0.01 11.60 -34.38
C ALA B 30 0.85 11.24 -33.16
N LEU B 31 0.63 11.97 -32.07
CA LEU B 31 1.49 11.81 -30.91
C LEU B 31 1.37 10.40 -30.33
N HIS B 32 2.48 9.92 -29.78
CA HIS B 32 2.48 8.63 -29.09
C HIS B 32 3.70 8.54 -28.18
N PHE B 33 3.54 7.85 -27.05
CA PHE B 33 4.56 7.80 -26.00
C PHE B 33 5.45 6.58 -26.17
N ASP B 34 6.62 6.77 -26.78
CA ASP B 34 7.58 5.71 -27.01
C ASP B 34 8.61 5.56 -25.89
N GLY B 35 8.59 6.43 -24.88
CA GLY B 35 9.56 6.40 -23.81
C GLY B 35 9.43 5.27 -22.79
N LYS B 36 9.88 5.52 -21.56
CA LYS B 36 9.86 4.55 -20.48
C LYS B 36 8.76 4.87 -19.50
N LYS B 37 8.46 3.89 -18.63
CA LYS B 37 7.35 4.01 -17.67
C LYS B 37 7.88 4.66 -16.39
N LEU B 38 7.78 5.99 -16.34
CA LEU B 38 8.20 6.77 -15.18
C LEU B 38 7.35 6.44 -13.96
N ASN B 39 7.62 7.11 -12.84
CA ASN B 39 6.84 6.96 -11.63
C ASN B 39 6.91 8.27 -10.87
N HIS B 40 6.16 8.35 -9.76
CA HIS B 40 6.21 9.54 -8.94
C HIS B 40 7.64 9.89 -8.59
N ASN B 41 8.48 8.87 -8.42
CA ASN B 41 9.89 9.08 -8.14
C ASN B 41 10.59 9.66 -9.35
N THR B 42 10.19 9.21 -10.55
CA THR B 42 10.86 9.57 -11.79
C THR B 42 10.13 10.65 -12.58
N PHE B 43 8.92 11.00 -12.19
CA PHE B 43 8.07 11.94 -12.91
C PHE B 43 8.70 13.31 -13.14
N GLU B 44 9.82 13.64 -12.50
CA GLU B 44 10.37 14.99 -12.56
C GLU B 44 11.52 15.17 -13.54
N ASN B 45 12.08 14.09 -14.07
CA ASN B 45 13.21 14.15 -15.00
C ASN B 45 12.83 13.51 -16.32
N PRO B 46 11.84 14.05 -17.02
CA PRO B 46 11.45 13.47 -18.31
C PRO B 46 12.57 13.67 -19.33
N SER B 47 12.99 12.58 -19.95
CA SER B 47 14.01 12.67 -20.97
C SER B 47 13.68 13.77 -21.95
N LYS B 48 14.54 14.79 -22.02
CA LYS B 48 14.36 15.88 -22.97
C LYS B 48 14.88 15.52 -24.36
N SER B 49 15.25 14.26 -24.55
CA SER B 49 15.68 13.74 -25.84
C SER B 49 14.47 13.40 -26.69
N GLN B 50 14.65 12.56 -27.71
CA GLN B 50 13.55 12.15 -28.56
C GLN B 50 12.66 11.18 -27.80
N TYR B 52 9.93 9.57 -25.39
CA TYR B 52 8.87 10.26 -24.66
C TYR B 52 8.43 9.48 -23.43
N ASP B 53 8.95 9.85 -22.27
CA ASP B 53 8.56 9.16 -21.04
C ASP B 53 7.07 9.39 -20.78
N TYR B 54 6.50 8.54 -19.92
CA TYR B 54 5.07 8.59 -19.63
C TYR B 54 4.80 7.88 -18.31
N PHE B 55 3.71 8.26 -17.65
CA PHE B 55 3.39 7.79 -16.30
C PHE B 55 2.38 6.65 -16.28
N PHE B 56 1.43 6.63 -17.20
CA PHE B 56 0.41 5.59 -17.16
C PHE B 56 0.53 4.64 -18.34
N GLY B 57 0.00 5.04 -19.51
CA GLY B 57 0.07 4.22 -20.70
C GLY B 57 0.61 5.03 -21.87
N ARG B 58 0.84 4.33 -22.98
CA ARG B 58 1.47 4.98 -24.12
C ARG B 58 0.48 5.70 -25.03
N ASN B 59 -0.81 5.37 -24.95
CA ASN B 59 -1.78 5.80 -25.95
C ASN B 59 -2.38 7.15 -25.60
N ILE B 60 -2.45 8.04 -26.59
CA ILE B 60 -3.18 9.30 -26.40
C ILE B 60 -3.87 9.72 -27.69
N SER B 61 -3.35 9.26 -28.83
CA SER B 61 -3.99 9.49 -30.12
C SER B 61 -4.76 8.24 -30.55
N ALA B 62 -5.84 8.45 -31.29
CA ALA B 62 -6.78 7.36 -31.59
C ALA B 62 -7.16 6.64 -30.29
N HIS B 63 -7.63 7.43 -29.33
CA HIS B 63 -7.82 6.98 -27.95
C HIS B 63 -8.95 7.83 -27.37
N GLY B 64 -9.87 7.20 -26.67
CA GLY B 64 -11.00 7.93 -26.16
C GLY B 64 -12.05 8.18 -27.25
N ASP B 65 -12.93 9.15 -26.96
CA ASP B 65 -14.10 9.40 -27.78
C ASP B 65 -13.75 10.32 -28.96
N ALA B 66 -12.84 9.84 -29.82
CA ALA B 66 -12.15 10.72 -30.76
C ALA B 66 -12.61 10.61 -32.21
N VAL B 67 -13.72 9.91 -32.48
CA VAL B 67 -14.14 9.69 -33.86
C VAL B 67 -15.67 9.67 -33.91
N LYS B 68 -16.25 10.48 -34.80
CA LYS B 68 -17.69 10.55 -34.85
C LYS B 68 -18.17 10.67 -36.29
N PRO B 69 -19.16 9.83 -36.71
CA PRO B 69 -19.76 9.98 -38.06
C PRO B 69 -20.90 11.00 -38.10
N TYR B 70 -20.91 11.86 -39.12
CA TYR B 70 -21.93 12.90 -39.24
C TYR B 70 -22.39 12.96 -40.68
N LYS B 71 -23.61 12.50 -40.94
CA LYS B 71 -24.20 12.52 -42.28
C LYS B 71 -23.22 11.78 -43.20
N HIS B 72 -22.75 12.39 -44.29
CA HIS B 72 -21.80 11.73 -45.17
C HIS B 72 -20.35 11.98 -44.79
N PHE B 73 -20.08 12.66 -43.68
CA PHE B 73 -18.73 12.92 -43.22
C PHE B 73 -18.37 12.00 -42.03
N VAL B 74 -17.08 12.04 -41.64
CA VAL B 74 -16.64 11.49 -40.37
C VAL B 74 -15.59 12.42 -39.77
N PHE B 75 -15.79 12.81 -38.50
CA PHE B 75 -14.89 13.71 -37.79
C PHE B 75 -13.97 12.95 -36.85
N MET B 76 -12.70 13.36 -36.79
CA MET B 76 -11.74 12.69 -35.94
C MET B 76 -10.85 13.71 -35.26
N THR B 77 -10.46 13.43 -34.01
CA THR B 77 -9.55 14.28 -33.24
C THR B 77 -8.30 13.47 -32.91
N TRP B 78 -7.19 14.18 -32.73
CA TRP B 78 -5.91 13.58 -32.43
C TRP B 78 -4.96 14.68 -31.95
N TYR B 79 -3.84 14.26 -31.38
CA TYR B 79 -2.78 15.17 -30.94
C TYR B 79 -1.69 15.16 -31.99
N LYS B 80 -1.43 16.34 -32.57
CA LYS B 80 -0.41 16.46 -33.61
C LYS B 80 0.89 15.80 -33.15
N GLY B 81 1.48 15.03 -34.04
CA GLY B 81 2.59 14.20 -33.67
C GLY B 81 3.94 14.92 -33.69
N GLY B 82 4.88 14.30 -32.99
CA GLY B 82 6.12 14.92 -32.66
C GLY B 82 6.04 15.31 -31.20
N LYS B 83 6.91 14.74 -30.38
CA LYS B 83 6.97 15.12 -28.97
C LYS B 83 7.08 16.63 -28.76
N GLU B 84 7.44 17.40 -29.80
CA GLU B 84 7.64 18.83 -29.68
C GLU B 84 6.43 19.69 -30.05
N GLU B 85 5.37 19.11 -30.62
CA GLU B 85 4.24 19.90 -31.09
C GLU B 85 2.98 19.61 -30.25
N ARG B 86 2.35 18.46 -30.43
CA ARG B 86 1.27 18.03 -29.56
C ARG B 86 0.01 18.86 -29.73
N ASN B 87 -0.11 19.60 -30.83
CA ASN B 87 -1.28 20.43 -31.02
C ASN B 87 -2.55 19.57 -31.07
N VAL B 88 -3.62 20.07 -30.48
CA VAL B 88 -4.93 19.48 -30.70
C VAL B 88 -5.28 19.62 -32.17
N MET B 89 -5.75 18.52 -32.79
CA MET B 89 -6.10 18.49 -34.20
C MET B 89 -7.54 17.99 -34.37
N LEU B 90 -8.21 18.51 -35.40
CA LEU B 90 -9.52 18.03 -35.82
C LEU B 90 -9.53 17.85 -37.34
N SER B 91 -9.98 16.68 -37.80
CA SER B 91 -10.02 16.36 -39.23
C SER B 91 -11.42 15.93 -39.65
N ARG B 92 -11.87 16.36 -40.85
CA ARG B 92 -13.13 15.89 -41.44
C ARG B 92 -12.90 15.09 -42.72
N PHE B 93 -13.54 13.93 -42.81
CA PHE B 93 -13.46 13.04 -43.97
C PHE B 93 -14.81 12.97 -44.67
N ASN B 94 -14.82 13.19 -45.98
CA ASN B 94 -16.05 13.12 -46.79
C ASN B 94 -16.17 11.72 -47.35
N THR B 95 -17.04 10.90 -46.74
CA THR B 95 -17.28 9.54 -47.23
C THR B 95 -17.83 9.53 -48.64
N LYS B 96 -18.32 10.67 -49.15
CA LYS B 96 -18.82 10.75 -50.52
C LYS B 96 -17.73 11.16 -51.50
N THR B 97 -16.93 12.16 -51.14
CA THR B 97 -15.86 12.67 -52.01
C THR B 97 -14.47 12.13 -51.68
N GLY B 98 -14.22 11.70 -50.44
CA GLY B 98 -12.89 11.24 -50.08
C GLY B 98 -11.93 12.32 -49.60
N VAL B 99 -12.38 13.53 -49.42
CA VAL B 99 -11.51 14.64 -49.05
C VAL B 99 -11.34 14.64 -47.53
N VAL B 100 -10.12 14.93 -47.09
CA VAL B 100 -9.77 14.97 -45.68
C VAL B 100 -9.21 16.34 -45.38
N LYS B 101 -10.04 17.21 -44.80
CA LYS B 101 -9.65 18.56 -44.40
C LYS B 101 -9.45 18.59 -42.90
N THR B 102 -8.36 19.21 -42.47
CA THR B 102 -7.95 19.16 -41.08
C THR B 102 -7.73 20.57 -40.55
N ILE B 103 -8.27 20.82 -39.37
CA ILE B 103 -8.09 22.05 -38.61
C ILE B 103 -7.11 21.73 -37.48
N GLN B 104 -6.19 22.63 -37.19
CA GLN B 104 -5.25 22.27 -36.14
C GLN B 104 -5.81 22.61 -34.75
N PHE B 105 -5.48 23.79 -34.22
CA PHE B 105 -5.89 24.36 -32.94
C PHE B 105 -4.64 24.77 -32.17
N PRO B 106 -4.74 25.83 -31.35
CA PRO B 106 -3.54 26.36 -30.67
C PRO B 106 -3.11 25.57 -29.45
N HIS B 107 -4.06 25.04 -28.69
CA HIS B 107 -3.70 24.32 -27.48
C HIS B 107 -2.85 23.11 -27.82
N ARG B 108 -1.81 22.89 -27.03
CA ARG B 108 -0.89 21.77 -27.17
C ARG B 108 -0.92 20.92 -25.91
N HIS B 109 -0.79 19.61 -26.06
CA HIS B 109 -0.87 18.68 -24.93
C HIS B 109 -0.04 19.20 -23.76
N THR B 110 -0.66 19.32 -22.61
CA THR B 110 -0.01 19.94 -21.46
C THR B 110 0.57 18.91 -20.50
N GLY B 111 0.41 17.62 -20.81
CA GLY B 111 1.16 16.58 -20.14
C GLY B 111 0.67 16.26 -18.74
N PHE B 112 1.44 15.39 -18.08
CA PHE B 112 1.08 14.87 -16.77
C PHE B 112 1.20 15.94 -15.69
N ARG B 113 0.09 16.21 -15.01
CA ARG B 113 0.05 17.22 -13.95
C ARG B 113 0.58 18.56 -14.41
N GLY B 114 0.59 18.77 -15.72
CA GLY B 114 0.99 20.05 -16.27
C GLY B 114 2.42 20.09 -16.76
N ASP B 115 3.13 18.97 -16.75
CA ASP B 115 4.49 18.85 -17.24
C ASP B 115 4.49 18.21 -18.63
N PRO B 116 4.60 18.99 -19.72
CA PRO B 116 4.37 18.42 -21.05
C PRO B 116 5.42 17.42 -21.49
N LEU B 117 6.44 17.16 -20.68
CA LEU B 117 7.46 16.17 -21.02
C LEU B 117 7.14 14.76 -20.52
N VAL B 118 6.10 14.58 -19.73
CA VAL B 118 5.71 13.26 -19.21
C VAL B 118 4.30 12.96 -19.71
N GLY B 119 4.19 12.03 -20.65
CA GLY B 119 2.95 11.69 -21.30
C GLY B 119 1.87 11.16 -20.38
N GLU B 120 0.65 11.66 -20.57
CA GLU B 120 -0.49 11.39 -19.69
C GLU B 120 -1.61 10.81 -20.54
N SER B 121 -1.72 9.48 -20.56
CA SER B 121 -2.67 8.80 -21.44
C SER B 121 -4.14 9.03 -21.07
N HIS B 122 -4.44 9.60 -19.91
CA HIS B 122 -5.83 9.91 -19.57
C HIS B 122 -6.42 10.99 -20.46
N ASN B 123 -5.58 11.83 -21.06
CA ASN B 123 -6.01 13.15 -21.53
C ASN B 123 -6.49 13.13 -22.98
N THR B 124 -7.50 12.31 -23.24
CA THR B 124 -8.05 12.19 -24.59
C THR B 124 -8.73 13.49 -25.01
N ILE B 125 -9.10 13.53 -26.28
CA ILE B 125 -9.82 14.64 -26.89
C ILE B 125 -11.19 14.11 -27.28
N GLY B 126 -12.19 14.36 -26.45
CA GLY B 126 -13.54 13.97 -26.78
C GLY B 126 -14.15 14.85 -27.85
N LEU B 127 -15.12 14.30 -28.57
CA LEU B 127 -15.59 14.92 -29.79
C LEU B 127 -17.09 14.73 -29.95
N ALA B 128 -17.77 15.78 -30.40
CA ALA B 128 -19.16 15.65 -30.81
C ALA B 128 -19.49 16.72 -31.85
N VAL B 129 -20.41 16.36 -32.74
CA VAL B 129 -21.00 17.30 -33.69
C VAL B 129 -22.51 17.24 -33.50
N SER B 130 -23.13 18.40 -33.31
CA SER B 130 -24.57 18.44 -33.09
C SER B 130 -25.30 18.20 -34.40
N PRO B 131 -26.19 17.21 -34.48
CA PRO B 131 -27.05 17.07 -35.66
C PRO B 131 -28.18 18.09 -35.69
N LEU B 132 -28.42 18.78 -34.58
CA LEU B 132 -29.49 19.76 -34.53
C LEU B 132 -29.08 21.04 -35.26
N ASN B 133 -27.83 21.47 -35.11
CA ASN B 133 -27.39 22.73 -35.70
C ASN B 133 -25.98 22.68 -36.29
N GLY B 134 -25.38 21.50 -36.44
CA GLY B 134 -24.10 21.40 -37.09
C GLY B 134 -22.95 22.01 -36.35
N THR B 135 -23.06 22.19 -35.03
CA THR B 135 -21.94 22.68 -34.25
C THR B 135 -21.02 21.51 -33.86
N ILE B 136 -19.72 21.82 -33.73
CA ILE B 136 -18.71 20.85 -33.33
C ILE B 136 -18.26 21.16 -31.90
N HIS B 137 -18.02 20.11 -31.12
CA HIS B 137 -17.69 20.25 -29.71
C HIS B 137 -16.50 19.37 -29.36
N MET B 138 -15.58 19.94 -28.58
CA MET B 138 -14.35 19.26 -28.17
C MET B 138 -14.05 19.58 -26.71
N VAL B 139 -13.83 18.54 -25.91
CA VAL B 139 -13.32 18.65 -24.55
C VAL B 139 -12.07 17.80 -24.48
N TYR B 140 -10.98 18.34 -23.93
CA TYR B 140 -9.72 17.63 -24.09
C TYR B 140 -8.71 17.94 -23.00
N ASP B 141 -7.72 17.05 -22.92
CA ASP B 141 -6.49 17.24 -22.14
C ASP B 141 -6.79 17.58 -20.69
N MET B 142 -7.53 16.70 -20.04
CA MET B 142 -8.02 16.93 -18.69
C MET B 142 -7.80 15.71 -17.83
N HIS B 143 -7.28 15.91 -16.61
CA HIS B 143 -7.21 14.78 -15.69
C HIS B 143 -7.34 15.28 -14.25
N ALA B 144 -8.59 15.54 -13.85
CA ALA B 144 -8.90 15.88 -12.46
C ALA B 144 -8.22 17.18 -12.05
N TYR B 145 -8.10 18.10 -13.00
CA TYR B 145 -7.38 19.34 -12.78
C TYR B 145 -8.29 20.39 -12.14
N VAL B 146 -7.67 21.29 -11.37
CA VAL B 146 -8.36 22.32 -10.59
C VAL B 146 -7.52 23.60 -10.60
N ASP B 147 -8.09 24.65 -10.03
CA ASP B 147 -7.29 25.79 -9.59
C ASP B 147 -6.56 25.42 -8.30
N ASP B 148 -5.24 25.60 -8.30
CA ASP B 148 -4.47 25.45 -7.07
C ASP B 148 -3.22 26.32 -7.20
N ASP B 149 -2.31 26.21 -6.24
CA ASP B 149 -1.15 27.09 -6.20
C ASP B 149 0.14 26.26 -6.28
N GLU B 150 1.27 26.94 -6.08
CA GLU B 150 2.57 26.31 -6.24
C GLU B 150 2.69 25.06 -5.36
N THR B 151 2.07 25.09 -4.17
CA THR B 151 2.07 23.96 -3.27
C THR B 151 1.01 22.91 -3.62
N GLY B 152 0.12 23.20 -4.58
CA GLY B 152 -0.87 22.22 -4.98
C GLY B 152 -0.30 21.17 -5.92
N ARG B 153 -1.05 20.07 -6.05
CA ARG B 153 -0.56 18.95 -6.85
C ARG B 153 -0.21 19.37 -8.26
N PHE B 154 -0.85 20.42 -8.76
CA PHE B 154 -0.66 20.87 -10.14
C PHE B 154 0.19 22.14 -10.26
N LYS B 155 0.65 22.70 -9.14
CA LYS B 155 1.55 23.85 -9.15
C LYS B 155 0.96 25.01 -9.96
N GLY B 156 -0.35 25.19 -9.88
CA GLY B 156 -1.00 26.32 -10.52
C GLY B 156 -1.03 26.30 -12.02
N ARG B 157 -0.78 25.15 -12.64
CA ARG B 157 -0.66 25.10 -14.09
C ARG B 157 -2.00 25.14 -14.81
N PHE B 158 -3.12 25.03 -14.10
CA PHE B 158 -4.42 24.98 -14.76
C PHE B 158 -5.35 26.10 -14.30
N VAL B 159 -4.85 27.14 -13.62
CA VAL B 159 -5.71 28.23 -13.22
C VAL B 159 -6.44 28.77 -14.43
N ASP B 160 -7.75 28.87 -14.34
CA ASP B 160 -8.57 29.38 -15.43
C ASP B 160 -8.51 28.47 -16.66
N ASP B 161 -8.03 27.24 -16.49
CA ASP B 161 -7.86 26.35 -17.63
C ASP B 161 -7.82 24.90 -17.18
N PHE B 162 -8.59 24.57 -16.14
CA PHE B 162 -8.67 23.22 -15.62
C PHE B 162 -9.81 22.43 -16.26
N PHE B 163 -10.62 23.07 -17.08
CA PHE B 163 -11.62 22.41 -17.92
C PHE B 163 -11.50 23.05 -19.30
N ARG B 164 -11.22 22.26 -20.33
CA ARG B 164 -10.78 22.73 -21.64
C ARG B 164 -11.82 22.33 -22.70
N TYR B 165 -12.65 23.29 -23.08
CA TYR B 165 -13.74 23.11 -24.03
C TYR B 165 -13.55 24.03 -25.25
N SER B 166 -13.66 23.48 -26.47
CA SER B 166 -13.74 24.27 -27.69
C SER B 166 -14.97 23.87 -28.48
N PHE B 167 -15.47 24.78 -29.33
CA PHE B 167 -16.73 24.51 -30.02
C PHE B 167 -16.94 25.52 -31.15
N SER B 168 -17.74 25.12 -32.14
CA SER B 168 -17.88 25.82 -33.41
C SER B 168 -19.20 26.59 -33.47
N VAL B 169 -19.26 27.51 -34.45
CA VAL B 169 -20.48 28.24 -34.78
C VAL B 169 -21.50 27.29 -35.40
N ALA B 170 -22.75 27.75 -35.49
CA ALA B 170 -23.82 26.89 -36.00
C ALA B 170 -23.60 26.57 -37.47
N GLY B 171 -23.98 25.36 -37.86
CA GLY B 171 -23.88 24.92 -39.23
C GLY B 171 -22.48 24.70 -39.76
N ALA B 172 -21.45 24.97 -38.96
CA ALA B 172 -20.08 24.82 -39.43
C ALA B 172 -19.80 23.40 -39.93
N ALA B 173 -20.49 22.40 -39.37
CA ALA B 173 -20.25 21.01 -39.75
C ALA B 173 -20.36 20.83 -41.26
N ASP B 174 -21.41 21.39 -41.86
CA ASP B 174 -21.72 21.10 -43.26
C ASP B 174 -21.10 22.11 -44.22
N VAL B 175 -20.21 22.98 -43.75
CA VAL B 175 -19.67 24.05 -44.60
C VAL B 175 -18.78 23.43 -45.67
N PRO B 176 -18.61 24.10 -46.81
CA PRO B 176 -17.75 23.54 -47.86
C PRO B 176 -16.31 23.38 -47.39
N ASP B 177 -15.62 22.40 -47.99
CA ASP B 177 -14.24 22.07 -47.69
C ASP B 177 -13.40 23.33 -47.50
N ASP B 178 -13.57 24.31 -48.38
CA ASP B 178 -12.85 25.56 -48.22
C ASP B 178 -13.34 26.32 -46.99
N GLU B 179 -14.60 26.12 -46.60
CA GLU B 179 -15.18 26.83 -45.48
C GLU B 179 -15.06 26.06 -44.17
N PHE B 180 -14.33 24.95 -44.17
CA PHE B 180 -14.07 24.17 -42.95
C PHE B 180 -12.75 24.63 -42.32
N THR B 181 -12.81 25.66 -41.49
CA THR B 181 -11.59 26.21 -40.89
C THR B 181 -11.86 26.71 -39.48
N LEU B 182 -10.77 26.92 -38.75
CA LEU B 182 -10.81 27.48 -37.41
C LEU B 182 -11.76 28.68 -37.28
N GLU B 183 -11.93 29.46 -38.35
CA GLU B 183 -12.80 30.63 -38.29
C GLU B 183 -14.26 30.23 -38.07
N GLN B 184 -14.56 28.92 -38.10
CA GLN B 184 -15.86 28.41 -37.72
C GLN B 184 -16.00 28.17 -36.21
N PHE B 185 -14.93 28.35 -35.43
CA PHE B 185 -14.94 28.10 -33.99
C PHE B 185 -14.94 29.40 -33.21
N VAL B 186 -15.47 29.32 -31.99
CA VAL B 186 -15.73 30.50 -31.17
C VAL B 186 -14.57 30.68 -30.19
N LYS B 187 -13.95 31.86 -30.22
CA LYS B 187 -12.84 32.15 -29.34
C LYS B 187 -13.34 32.36 -27.92
N ASP B 188 -12.42 32.30 -26.97
CA ASP B 188 -12.73 32.70 -25.60
C ASP B 188 -12.59 34.22 -25.52
N THR B 189 -13.72 34.92 -25.42
CA THR B 189 -13.72 36.37 -25.21
C THR B 189 -14.30 36.73 -23.85
N SER B 190 -14.20 35.83 -22.87
CA SER B 190 -14.66 36.13 -21.53
C SER B 190 -13.60 36.93 -20.78
N GLU B 191 -13.96 37.33 -19.56
CA GLU B 191 -13.03 38.06 -18.71
C GLU B 191 -11.78 37.23 -18.39
N LEU B 192 -11.85 35.91 -18.53
CA LEU B 192 -10.68 35.08 -18.33
C LEU B 192 -9.95 34.77 -19.62
N SER B 193 -10.53 35.11 -20.76
CA SER B 193 -9.90 34.86 -22.04
C SER B 193 -8.43 35.26 -21.99
N GLN B 194 -7.57 34.47 -22.63
CA GLN B 194 -6.13 34.71 -22.59
C GLN B 194 -5.55 35.10 -23.95
N GLY B 195 -6.37 35.62 -24.85
CA GLY B 195 -5.88 36.15 -26.10
C GLY B 195 -6.71 35.70 -27.28
N ALA B 196 -6.30 36.16 -28.46
CA ALA B 196 -7.03 35.86 -29.68
C ALA B 196 -6.84 34.41 -30.10
N ASP B 197 -5.91 33.69 -29.48
CA ASP B 197 -5.72 32.27 -29.77
C ASP B 197 -6.52 31.38 -28.82
N ASP B 198 -7.26 31.99 -27.89
CA ASP B 198 -7.98 31.26 -26.86
C ASP B 198 -9.30 30.79 -27.45
N TYR B 199 -9.35 29.49 -27.75
CA TYR B 199 -10.57 28.80 -28.15
C TYR B 199 -11.00 27.80 -27.09
N LYS B 200 -10.37 27.84 -25.88
CA LYS B 200 -10.63 26.91 -24.79
C LYS B 200 -11.52 27.60 -23.76
N HIS B 201 -12.78 27.20 -23.69
CA HIS B 201 -13.70 27.73 -22.71
C HIS B 201 -13.65 26.93 -21.42
N LEU B 202 -13.86 27.62 -20.30
CA LEU B 202 -13.79 27.00 -18.98
C LEU B 202 -15.10 26.33 -18.56
N THR B 203 -16.24 26.71 -19.15
CA THR B 203 -17.50 26.03 -18.87
C THR B 203 -18.24 25.81 -20.18
N MET B 204 -19.25 24.95 -20.13
CA MET B 204 -20.07 24.66 -21.30
C MET B 204 -21.39 25.42 -21.29
N THR B 205 -21.70 26.09 -20.18
CA THR B 205 -22.88 26.93 -20.05
C THR B 205 -22.63 28.35 -20.55
N GLY B 206 -21.38 28.73 -20.76
CA GLY B 206 -21.08 30.11 -21.06
C GLY B 206 -21.29 31.04 -19.88
N ASN B 207 -21.04 30.58 -18.66
CA ASN B 207 -21.18 31.40 -17.46
C ASN B 207 -20.05 31.06 -16.50
N LEU B 208 -19.10 31.97 -16.34
CA LEU B 208 -17.96 31.71 -15.48
C LEU B 208 -18.37 31.41 -14.05
N GLN B 209 -19.60 31.77 -13.65
CA GLN B 209 -20.07 31.47 -12.31
C GLN B 209 -20.18 29.97 -12.09
N ASP B 210 -20.40 29.20 -13.16
CA ASP B 210 -20.52 27.76 -13.04
C ASP B 210 -19.18 27.05 -12.97
N LYS B 211 -18.07 27.79 -12.94
CA LYS B 211 -16.78 27.16 -13.17
C LYS B 211 -16.50 26.02 -12.17
N GLU B 212 -16.89 26.20 -10.91
CA GLU B 212 -16.65 25.13 -9.95
C GLU B 212 -17.37 23.84 -10.34
N ASN B 213 -18.51 23.96 -11.04
CA ASN B 213 -19.27 22.81 -11.51
C ASN B 213 -18.51 22.05 -12.60
N PHE B 214 -17.48 22.65 -13.19
CA PHE B 214 -16.69 22.04 -14.25
C PHE B 214 -15.27 21.69 -13.80
N SER B 215 -15.07 21.54 -12.49
CA SER B 215 -13.77 21.34 -11.88
C SER B 215 -13.52 19.86 -11.57
N ALA B 216 -12.24 19.47 -11.70
CA ALA B 216 -11.78 18.15 -11.26
C ALA B 216 -12.44 17.00 -12.02
N LEU B 217 -12.47 17.12 -13.35
CA LEU B 217 -13.19 16.16 -14.20
C LEU B 217 -12.25 15.45 -15.16
N THR B 218 -12.68 14.27 -15.63
CA THR B 218 -11.87 13.42 -16.48
C THR B 218 -12.75 12.58 -17.39
N TYR B 219 -12.20 12.25 -18.57
CA TYR B 219 -12.80 11.34 -19.56
C TYR B 219 -14.01 11.96 -20.22
N PRO B 220 -13.82 12.89 -21.16
CA PRO B 220 -14.96 13.40 -21.92
C PRO B 220 -15.57 12.32 -22.81
N LYS B 221 -16.89 12.20 -22.76
CA LYS B 221 -17.59 11.20 -23.55
C LYS B 221 -18.92 11.79 -24.00
N PHE B 222 -19.20 11.72 -25.30
CA PHE B 222 -20.38 12.35 -25.88
C PHE B 222 -21.30 11.29 -26.48
N TYR B 223 -22.60 11.56 -26.41
CA TYR B 223 -23.61 10.77 -27.10
C TYR B 223 -24.60 11.70 -27.77
N THR B 224 -25.33 11.16 -28.73
CA THR B 224 -26.39 11.89 -29.38
C THR B 224 -27.69 11.19 -29.10
N SER B 225 -28.66 11.94 -28.58
CA SER B 225 -29.95 11.35 -28.25
C SER B 225 -30.66 10.91 -29.52
N ASP B 226 -31.70 10.11 -29.32
CA ASP B 226 -32.53 9.70 -30.44
C ASP B 226 -33.17 10.89 -31.15
N ASP B 227 -33.22 12.05 -30.50
CA ASP B 227 -33.80 13.27 -31.08
C ASP B 227 -32.76 14.28 -31.54
N GLY B 228 -31.50 13.88 -31.66
CA GLY B 228 -30.48 14.83 -32.06
C GLY B 228 -29.90 15.67 -30.94
N GLU B 229 -30.22 15.35 -29.69
CA GLU B 229 -29.67 16.08 -28.56
C GLU B 229 -28.32 15.50 -28.20
N LEU B 230 -27.32 16.38 -28.03
CA LEU B 230 -26.01 15.94 -27.57
C LEU B 230 -26.05 15.77 -26.06
N LEU B 231 -25.55 14.63 -25.59
CA LEU B 231 -25.35 14.41 -24.17
C LEU B 231 -23.87 14.22 -23.91
N HIS B 232 -23.47 14.51 -22.67
CA HIS B 232 -22.07 14.53 -22.29
C HIS B 232 -21.94 14.10 -20.82
N TYR B 233 -20.97 13.27 -20.52
CA TYR B 233 -20.68 12.97 -19.13
C TYR B 233 -19.19 12.82 -18.96
N MET B 234 -18.73 13.04 -17.72
CA MET B 234 -17.33 12.89 -17.33
C MET B 234 -17.27 12.24 -15.95
N ASN B 235 -16.06 11.81 -15.56
CA ASN B 235 -15.81 11.27 -14.21
C ASN B 235 -15.30 12.37 -13.27
N TRP B 236 -15.82 12.38 -12.02
CA TRP B 236 -15.23 13.17 -10.95
C TRP B 236 -14.49 12.25 -10.00
N GLY B 237 -13.38 12.74 -9.44
CA GLY B 237 -12.74 11.93 -8.42
C GLY B 237 -12.16 10.66 -9.03
N GLY B 238 -12.15 9.61 -8.22
CA GLY B 238 -11.70 8.30 -8.67
C GLY B 238 -11.31 7.44 -7.47
N ASN B 239 -10.39 6.50 -7.73
CA ASN B 239 -9.98 5.52 -6.73
C ASN B 239 -11.23 4.95 -6.03
N ASN B 240 -11.40 5.23 -4.72
CA ASN B 240 -12.55 4.72 -3.99
C ASN B 240 -13.51 5.83 -3.58
N ASN B 241 -13.56 6.91 -4.35
CA ASN B 241 -14.49 8.02 -4.10
C ASN B 241 -14.61 8.80 -5.40
N GLY B 242 -15.64 8.48 -6.20
CA GLY B 242 -15.86 9.14 -7.48
C GLY B 242 -17.32 9.27 -7.78
N ALA B 243 -17.62 9.89 -8.92
CA ALA B 243 -19.00 10.03 -9.36
C ALA B 243 -19.03 10.32 -10.84
N TYR B 244 -20.16 10.00 -11.46
CA TYR B 244 -20.42 10.36 -12.85
C TYR B 244 -21.24 11.63 -12.86
N TYR B 245 -20.84 12.61 -13.70
CA TYR B 245 -21.60 13.84 -13.93
C TYR B 245 -21.93 13.97 -15.40
N PHE B 246 -23.14 14.44 -15.69
CA PHE B 246 -23.61 14.49 -17.07
C PHE B 246 -24.38 15.77 -17.30
N ASN B 247 -24.38 16.21 -18.54
CA ASN B 247 -25.09 17.43 -18.92
C ASN B 247 -25.60 17.27 -20.35
N LYS B 248 -26.22 18.33 -20.85
CA LYS B 248 -26.96 18.26 -22.10
C LYS B 248 -26.71 19.53 -22.91
N TYR B 249 -26.74 19.37 -24.23
CA TYR B 249 -26.57 20.49 -25.16
C TYR B 249 -27.92 21.08 -25.51
N ASP B 250 -28.09 22.38 -25.32
CA ASP B 250 -29.32 23.08 -25.73
C ASP B 250 -29.04 23.69 -27.09
N ALA B 251 -29.46 22.98 -28.14
CA ALA B 251 -29.20 23.46 -29.49
C ALA B 251 -29.91 24.79 -29.76
N LYS B 252 -31.16 24.93 -29.30
CA LYS B 252 -31.90 26.17 -29.54
C LYS B 252 -31.09 27.39 -29.11
N ASN B 253 -30.50 27.34 -27.92
CA ASN B 253 -29.75 28.46 -27.37
C ASN B 253 -28.26 28.25 -27.48
N GLN B 254 -27.82 27.09 -27.97
CA GLN B 254 -26.42 26.85 -28.28
C GLN B 254 -25.52 27.02 -27.05
N LYS B 255 -25.74 26.14 -26.06
CA LYS B 255 -24.96 26.11 -24.82
C LYS B 255 -25.30 24.80 -24.09
N TRP B 256 -24.48 24.45 -23.12
CA TRP B 256 -24.71 23.23 -22.35
C TRP B 256 -25.26 23.57 -20.96
N THR B 257 -26.03 22.62 -20.41
CA THR B 257 -26.48 22.71 -19.04
C THR B 257 -25.31 22.47 -18.10
N ARG B 258 -25.55 22.75 -16.81
CA ARG B 258 -24.62 22.34 -15.78
C ARG B 258 -24.58 20.81 -15.67
N PHE B 259 -23.46 20.32 -15.13
CA PHE B 259 -23.33 18.91 -14.83
C PHE B 259 -24.24 18.52 -13.67
N THR B 260 -24.88 17.35 -13.80
CA THR B 260 -25.65 16.73 -12.75
C THR B 260 -25.07 15.36 -12.40
N PRO B 261 -25.02 15.02 -11.11
CA PRO B 261 -24.45 13.74 -10.70
C PRO B 261 -25.40 12.59 -10.95
N PHE B 262 -24.80 11.45 -11.28
CA PHE B 262 -25.53 10.20 -11.20
C PHE B 262 -25.59 9.73 -9.76
N ASN B 263 -24.44 9.77 -9.08
CA ASN B 263 -24.31 9.36 -7.70
C ASN B 263 -23.63 10.47 -6.92
N HIS B 264 -23.88 10.51 -5.61
CA HIS B 264 -23.15 11.43 -4.74
C HIS B 264 -21.72 10.99 -4.59
N LYS B 265 -20.80 11.95 -4.67
CA LYS B 265 -19.47 11.70 -4.14
C LYS B 265 -19.55 11.67 -2.61
N ASP B 266 -18.46 11.25 -1.98
CA ASP B 266 -18.42 11.17 -0.52
C ASP B 266 -19.66 10.47 0.04
N GLN B 267 -19.94 9.27 -0.48
CA GLN B 267 -21.18 8.58 -0.11
C GLN B 267 -21.28 8.41 1.40
N LYS B 268 -20.14 8.35 2.08
CA LYS B 268 -20.11 8.13 3.52
C LYS B 268 -20.79 9.25 4.28
N THR B 269 -20.74 10.46 3.73
CA THR B 269 -21.41 11.60 4.34
C THR B 269 -22.85 11.74 3.91
N HIS B 270 -23.26 11.02 2.87
CA HIS B 270 -24.62 11.07 2.35
C HIS B 270 -25.45 9.88 2.81
N GLY B 271 -24.94 9.11 3.76
CA GLY B 271 -25.71 8.03 4.35
C GLY B 271 -25.23 6.65 4.03
N ASN B 272 -24.14 6.49 3.28
CA ASN B 272 -23.64 5.16 2.96
C ASN B 272 -22.63 4.72 4.00
N ALA B 273 -22.48 3.41 4.14
CA ALA B 273 -21.47 2.92 5.07
C ALA B 273 -20.07 3.20 4.56
N TYR B 274 -19.89 3.39 3.26
CA TYR B 274 -18.54 3.61 2.77
C TYR B 274 -18.56 4.48 1.52
N ASN B 275 -17.44 5.13 1.26
CA ASN B 275 -17.20 5.76 -0.04
C ASN B 275 -16.96 4.70 -1.10
N TRP B 276 -17.23 5.06 -2.36
CA TRP B 276 -16.89 4.14 -3.44
C TRP B 276 -16.62 4.90 -4.73
N GLY B 277 -15.68 4.35 -5.53
CA GLY B 277 -15.47 4.80 -6.89
C GLY B 277 -16.17 3.90 -7.91
N LEU B 278 -16.23 4.37 -9.16
CA LEU B 278 -16.94 3.69 -10.24
C LEU B 278 -15.99 3.37 -11.37
N TYR B 279 -16.03 2.13 -11.84
CA TYR B 279 -15.20 1.68 -12.95
C TYR B 279 -16.14 1.08 -13.99
N GLY B 280 -16.38 1.83 -15.04
CA GLY B 280 -17.40 1.50 -16.01
C GLY B 280 -17.70 2.71 -16.87
N GLN B 281 -18.93 2.77 -17.37
CA GLN B 281 -19.30 3.85 -18.25
C GLN B 281 -20.78 4.13 -18.11
N MET B 282 -21.15 5.39 -18.35
CA MET B 282 -22.52 5.72 -18.77
C MET B 282 -22.56 5.60 -20.27
N LYS B 283 -23.68 5.11 -20.80
CA LYS B 283 -23.90 5.05 -22.23
C LYS B 283 -25.35 5.37 -22.50
N TYR B 284 -25.58 6.05 -23.63
CA TYR B 284 -26.91 6.21 -24.16
C TYR B 284 -27.20 5.05 -25.10
N ILE B 285 -28.19 4.23 -24.74
CA ILE B 285 -28.58 3.08 -25.53
C ILE B 285 -30.10 2.93 -25.46
N ASN B 286 -30.72 2.60 -26.61
CA ASN B 286 -32.16 2.45 -26.70
C ASN B 286 -32.90 3.71 -26.26
N GLY B 287 -32.39 4.87 -26.65
CA GLY B 287 -33.04 6.11 -26.31
C GLY B 287 -33.07 6.40 -24.82
N LYS B 288 -32.25 5.68 -24.04
CA LYS B 288 -32.17 5.89 -22.60
C LYS B 288 -30.73 6.08 -22.14
N LEU B 289 -30.52 7.04 -21.27
CA LEU B 289 -29.23 7.14 -20.58
C LEU B 289 -29.11 5.98 -19.59
N ARG B 290 -28.00 5.27 -19.60
CA ARG B 290 -27.82 4.11 -18.74
C ARG B 290 -26.41 4.11 -18.18
N VAL B 291 -26.20 3.28 -17.18
CA VAL B 291 -24.88 3.16 -16.58
C VAL B 291 -24.58 1.71 -16.26
N GLY B 292 -23.31 1.34 -16.40
CA GLY B 292 -22.88 0.03 -16.04
C GLY B 292 -21.46 0.09 -15.54
N PHE B 293 -21.19 -0.49 -14.37
CA PHE B 293 -19.87 -0.31 -13.78
C PHE B 293 -19.64 -1.35 -12.70
N GLN B 294 -18.37 -1.48 -12.32
CA GLN B 294 -17.95 -2.16 -11.09
C GLN B 294 -17.43 -1.10 -10.10
N GLN B 295 -17.72 -1.31 -8.82
CA GLN B 295 -17.38 -0.30 -7.83
C GLN B 295 -16.01 -0.62 -7.21
N ARG B 296 -15.38 0.41 -6.65
CA ARG B 296 -14.20 0.23 -5.79
C ARG B 296 -14.55 0.82 -4.44
N SER B 297 -14.93 -0.04 -3.50
CA SER B 297 -15.22 0.42 -2.14
C SER B 297 -13.93 0.89 -1.47
N ALA B 298 -14.06 1.91 -0.61
CA ALA B 298 -12.89 2.35 0.15
C ALA B 298 -12.49 1.36 1.23
N ASN B 299 -13.29 0.34 1.49
CA ASN B 299 -12.91 -0.68 2.47
C ASN B 299 -11.68 -1.45 1.99
N ASN B 300 -10.64 -1.50 2.81
CA ASN B 300 -9.45 -2.25 2.46
C ASN B 300 -9.26 -3.51 3.30
N ASP B 301 -10.30 -3.94 4.02
CA ASP B 301 -10.22 -5.15 4.82
C ASP B 301 -11.06 -6.30 4.29
N ASP B 302 -11.87 -6.08 3.26
CA ASP B 302 -12.62 -7.17 2.65
C ASP B 302 -11.77 -7.89 1.62
N ARG B 303 -12.36 -8.86 0.94
CA ARG B 303 -11.59 -9.73 0.03
C ARG B 303 -11.20 -9.05 -1.27
N PHE B 304 -11.77 -7.88 -1.61
CA PHE B 304 -11.58 -7.26 -2.92
C PHE B 304 -10.51 -6.17 -2.84
N LYS B 305 -9.39 -6.43 -3.50
CA LYS B 305 -8.29 -5.47 -3.54
C LYS B 305 -8.70 -4.18 -4.23
N TYR B 306 -9.46 -4.29 -5.33
CA TYR B 306 -9.92 -3.15 -6.11
C TYR B 306 -11.42 -3.22 -6.34
N GLN B 307 -11.84 -3.55 -7.55
CA GLN B 307 -13.26 -3.48 -7.80
C GLN B 307 -13.98 -4.71 -7.27
N ASN B 308 -15.29 -4.56 -7.11
CA ASN B 308 -16.18 -5.70 -6.88
C ASN B 308 -17.53 -5.34 -7.49
N GLY B 309 -18.32 -6.37 -7.75
CA GLY B 309 -19.70 -6.20 -8.13
C GLY B 309 -19.88 -5.76 -9.58
N VAL B 310 -21.10 -5.96 -10.06
CA VAL B 310 -21.55 -5.41 -11.33
C VAL B 310 -22.81 -4.63 -11.06
N TYR B 311 -22.86 -3.38 -11.55
CA TYR B 311 -23.95 -2.48 -11.26
C TYR B 311 -24.56 -1.93 -12.55
N TYR B 312 -25.87 -1.76 -12.55
CA TYR B 312 -26.53 -1.27 -13.75
C TYR B 312 -27.80 -0.53 -13.39
N ALA B 313 -28.04 0.55 -14.13
CA ALA B 313 -29.27 1.31 -13.98
C ALA B 313 -29.53 2.10 -15.26
N TYR B 314 -30.79 2.47 -15.45
CA TYR B 314 -31.17 3.27 -16.60
C TYR B 314 -32.15 4.35 -16.13
N SER B 315 -32.25 5.42 -16.91
CA SER B 315 -33.12 6.53 -16.59
C SER B 315 -34.24 6.63 -17.62
N ASP B 316 -35.48 6.72 -17.15
CA ASP B 316 -36.59 7.04 -18.02
C ASP B 316 -36.71 8.54 -18.24
N HIS B 317 -35.80 9.30 -17.74
CA HIS B 317 -35.90 10.71 -18.06
C HIS B 317 -35.02 11.02 -19.27
N PRO B 318 -35.53 11.74 -20.28
CA PRO B 318 -34.72 11.93 -21.50
C PRO B 318 -33.31 12.42 -21.23
N ASP B 319 -33.13 13.34 -20.28
CA ASP B 319 -31.83 13.91 -19.96
C ASP B 319 -31.17 13.23 -18.78
N GLY B 320 -31.77 12.17 -18.26
CA GLY B 320 -31.23 11.50 -17.10
C GLY B 320 -31.55 12.17 -15.78
N LEU B 321 -32.40 13.20 -15.77
CA LEU B 321 -32.68 13.95 -14.53
C LEU B 321 -33.79 13.26 -13.72
N GLY B 322 -33.43 12.12 -13.16
CA GLY B 322 -34.34 11.37 -12.32
C GLY B 322 -34.95 10.19 -13.05
N ASN B 323 -35.89 9.54 -12.37
CA ASN B 323 -36.56 8.38 -12.93
C ASN B 323 -35.58 7.29 -13.30
N TRP B 324 -34.61 7.04 -12.42
CA TRP B 324 -33.69 5.94 -12.59
C TRP B 324 -34.27 4.68 -11.98
N LYS B 325 -33.92 3.54 -12.57
CA LYS B 325 -34.44 2.25 -12.14
C LYS B 325 -33.36 1.20 -12.31
N ASN B 326 -33.42 0.15 -11.48
CA ASN B 326 -32.46 -0.91 -11.68
C ASN B 326 -33.01 -1.87 -12.72
N VAL B 327 -32.27 -2.97 -12.95
CA VAL B 327 -32.61 -3.87 -14.04
C VAL B 327 -33.98 -4.47 -13.83
N ASP B 328 -34.45 -4.56 -12.59
CA ASP B 328 -35.77 -5.09 -12.33
C ASP B 328 -36.85 -4.02 -12.40
N GLY B 329 -36.51 -2.82 -12.84
CA GLY B 329 -37.50 -1.76 -12.88
C GLY B 329 -37.77 -1.10 -11.55
N GLU B 330 -36.97 -1.36 -10.52
CA GLU B 330 -37.20 -0.73 -9.23
C GLU B 330 -36.61 0.68 -9.20
N ASP B 331 -37.35 1.60 -8.61
CA ASP B 331 -36.89 2.97 -8.54
C ASP B 331 -35.57 3.06 -7.78
N MET B 332 -34.66 3.88 -8.28
CA MET B 332 -33.34 4.06 -7.72
C MET B 332 -33.26 5.40 -7.03
N THR B 333 -32.74 5.42 -5.81
CA THR B 333 -32.38 6.68 -5.17
C THR B 333 -31.48 7.47 -6.10
N TRP B 334 -31.83 8.73 -6.36
CA TRP B 334 -30.98 9.53 -7.25
C TRP B 334 -30.82 10.96 -6.75
N PRO B 335 -29.60 11.50 -6.69
CA PRO B 335 -28.34 10.79 -6.98
C PRO B 335 -28.14 9.59 -6.06
N LEU B 336 -27.52 8.53 -6.57
CA LEU B 336 -27.38 7.30 -5.83
C LEU B 336 -26.44 7.47 -4.64
N VAL B 337 -26.76 6.83 -3.52
CA VAL B 337 -25.85 6.76 -2.37
C VAL B 337 -25.29 5.35 -2.17
N ASN B 338 -26.17 4.33 -2.18
CA ASN B 338 -25.80 2.96 -1.83
C ASN B 338 -25.83 2.08 -3.09
N SER B 339 -24.64 1.64 -3.52
CA SER B 339 -24.60 0.84 -4.73
C SER B 339 -25.44 -0.44 -4.63
N ASP B 340 -25.84 -0.89 -3.44
CA ASP B 340 -26.60 -2.13 -3.41
C ASP B 340 -27.90 -2.04 -4.21
N GLU B 341 -28.47 -0.85 -4.36
CA GLU B 341 -29.77 -0.73 -5.01
C GLU B 341 -29.77 -1.26 -6.44
N ILE B 342 -28.64 -1.23 -7.11
CA ILE B 342 -28.60 -1.52 -8.53
C ILE B 342 -27.59 -2.62 -8.81
N LYS B 343 -27.30 -3.43 -7.79
CA LYS B 343 -26.30 -4.50 -7.94
C LYS B 343 -26.92 -5.67 -8.70
N ILE B 344 -26.25 -6.13 -9.76
CA ILE B 344 -26.75 -7.28 -10.52
C ILE B 344 -26.27 -8.59 -9.91
N PHE B 345 -24.96 -8.73 -9.76
CA PHE B 345 -24.37 -9.93 -9.20
C PHE B 345 -22.95 -9.57 -8.79
N GLU B 346 -22.26 -10.54 -8.21
CA GLU B 346 -20.92 -10.36 -7.66
C GLU B 346 -19.95 -11.28 -8.39
N PRO B 347 -19.08 -10.76 -9.25
CA PRO B 347 -18.08 -11.62 -9.90
C PRO B 347 -17.19 -12.34 -8.92
N GLY B 348 -16.96 -11.74 -7.76
CA GLY B 348 -16.15 -12.35 -6.75
C GLY B 348 -16.67 -13.72 -6.40
N ASP B 349 -17.95 -13.99 -6.66
CA ASP B 349 -18.49 -15.29 -6.29
C ASP B 349 -17.86 -16.44 -7.06
N TYR B 350 -17.16 -16.17 -8.17
CA TYR B 350 -16.65 -17.21 -9.04
C TYR B 350 -15.19 -17.52 -8.76
N ILE B 351 -14.64 -16.94 -7.71
CA ILE B 351 -13.30 -17.28 -7.23
C ILE B 351 -13.41 -17.56 -5.74
N ASP B 352 -12.62 -18.52 -5.28
CA ASP B 352 -12.85 -19.18 -4.00
C ASP B 352 -12.19 -18.51 -2.81
N HIS B 353 -11.52 -17.38 -2.99
CA HIS B 353 -10.75 -16.78 -1.91
C HIS B 353 -11.59 -15.86 -1.04
N THR B 354 -11.28 -15.84 0.26
CA THR B 354 -11.98 -14.96 1.17
C THR B 354 -11.08 -14.06 2.00
N ALA B 355 -9.76 -14.29 2.02
CA ALA B 355 -8.86 -13.46 2.80
C ALA B 355 -8.83 -12.02 2.28
N PRO B 356 -8.45 -11.06 3.13
CA PRO B 356 -8.49 -9.66 2.70
C PRO B 356 -7.67 -9.42 1.43
N ASN B 357 -8.27 -8.70 0.48
CA ASN B 357 -7.61 -8.24 -0.74
C ASN B 357 -7.17 -9.37 -1.68
N SER B 358 -7.65 -10.59 -1.47
CA SER B 358 -7.24 -11.75 -2.26
C SER B 358 -7.90 -11.84 -3.63
N VAL B 359 -8.95 -11.07 -3.90
CA VAL B 359 -9.72 -11.16 -5.13
C VAL B 359 -9.46 -9.89 -5.92
N HIS B 360 -8.98 -10.07 -7.15
CA HIS B 360 -8.52 -8.97 -7.99
C HIS B 360 -9.45 -8.80 -9.18
N ILE B 361 -10.13 -7.66 -9.25
CA ILE B 361 -11.00 -7.33 -10.37
C ILE B 361 -10.61 -5.94 -10.87
N VAL B 362 -10.07 -5.87 -12.09
CA VAL B 362 -9.79 -4.56 -12.68
C VAL B 362 -10.15 -4.55 -14.17
N THR B 363 -9.37 -5.24 -14.99
CA THR B 363 -9.56 -5.20 -16.41
C THR B 363 -10.69 -6.12 -16.82
N GLY B 364 -11.14 -5.95 -18.07
CA GLY B 364 -12.04 -6.89 -18.69
C GLY B 364 -13.52 -6.61 -18.49
N PHE B 365 -13.90 -5.41 -18.07
CA PHE B 365 -15.29 -5.09 -17.81
C PHE B 365 -15.88 -4.21 -18.90
N ASP B 366 -17.07 -4.58 -19.38
CA ASP B 366 -17.87 -3.72 -20.24
C ASP B 366 -19.29 -4.27 -20.24
N TRP B 367 -20.17 -3.56 -20.93
CA TRP B 367 -21.57 -3.94 -20.94
C TRP B 367 -22.25 -3.28 -22.12
N THR B 368 -23.41 -3.80 -22.47
CA THR B 368 -24.20 -3.20 -23.54
C THR B 368 -25.61 -3.69 -23.41
N VAL B 369 -26.51 -3.03 -24.13
CA VAL B 369 -27.92 -3.41 -24.21
C VAL B 369 -28.29 -3.42 -25.69
N THR B 370 -28.77 -4.55 -26.19
CA THR B 370 -29.11 -4.65 -27.61
C THR B 370 -30.34 -3.82 -27.93
N GLU B 371 -30.53 -3.56 -29.22
CA GLU B 371 -31.76 -2.89 -29.66
C GLU B 371 -32.99 -3.69 -29.26
N ASN B 372 -32.83 -4.98 -28.99
CA ASN B 372 -33.91 -5.85 -28.56
C ASN B 372 -33.99 -5.98 -27.05
N ASP B 373 -33.16 -5.24 -26.33
CA ASP B 373 -33.15 -5.18 -24.87
C ASP B 373 -32.55 -6.43 -24.23
N ASP B 374 -31.64 -7.11 -24.91
CA ASP B 374 -30.77 -8.08 -24.24
C ASP B 374 -29.70 -7.31 -23.48
N VAL B 375 -29.51 -7.66 -22.21
CA VAL B 375 -28.56 -6.96 -21.32
C VAL B 375 -27.35 -7.85 -21.12
N HIS B 376 -26.16 -7.28 -21.35
CA HIS B 376 -24.91 -8.03 -21.41
C HIS B 376 -23.81 -7.38 -20.59
N PHE B 377 -23.13 -8.18 -19.77
CA PHE B 377 -21.95 -7.76 -19.03
C PHE B 377 -20.83 -8.77 -19.27
N ILE B 378 -19.62 -8.27 -19.37
CA ILE B 378 -18.44 -9.11 -19.41
C ILE B 378 -17.52 -8.60 -18.30
N THR B 379 -16.79 -9.52 -17.70
CA THR B 379 -15.86 -9.13 -16.64
C THR B 379 -14.82 -10.22 -16.50
N HIS B 380 -13.99 -10.11 -15.48
CA HIS B 380 -12.80 -10.92 -15.33
C HIS B 380 -12.39 -10.87 -13.87
N VAL B 381 -12.03 -12.02 -13.32
CA VAL B 381 -11.65 -12.08 -11.91
C VAL B 381 -10.46 -13.00 -11.77
N ARG B 382 -9.52 -12.64 -10.90
CA ARG B 382 -8.37 -13.49 -10.67
C ARG B 382 -7.90 -13.30 -9.24
N SER B 383 -7.08 -14.26 -8.80
CA SER B 383 -6.36 -14.17 -7.54
C SER B 383 -5.48 -12.94 -7.55
N THR B 384 -5.53 -12.17 -6.47
CA THR B 384 -4.58 -11.08 -6.35
C THR B 384 -3.15 -11.59 -6.39
N ASP B 385 -2.87 -12.70 -5.73
CA ASP B 385 -1.51 -13.24 -5.65
C ASP B 385 -1.32 -14.20 -6.82
N THR B 386 -0.62 -13.74 -7.85
CA THR B 386 -0.44 -14.55 -9.05
C THR B 386 0.45 -15.75 -8.81
N LYS B 387 1.14 -15.81 -7.69
CA LYS B 387 2.09 -16.88 -7.44
C LYS B 387 1.52 -18.03 -6.63
N ARG B 388 0.35 -17.89 -6.02
CA ARG B 388 -0.14 -18.95 -5.14
C ARG B 388 -0.37 -20.23 -5.93
N SER B 389 -0.25 -21.36 -5.23
CA SER B 389 -0.36 -22.64 -5.90
C SER B 389 -1.77 -22.88 -6.41
N ASP B 390 -2.78 -22.47 -5.66
CA ASP B 390 -4.16 -22.54 -6.12
C ASP B 390 -4.59 -21.27 -6.85
N TYR B 391 -3.75 -20.73 -7.72
CA TYR B 391 -4.13 -19.54 -8.47
C TYR B 391 -5.38 -19.80 -9.31
N LYS B 392 -6.29 -18.82 -9.34
CA LYS B 392 -7.50 -18.90 -10.14
C LYS B 392 -7.69 -17.64 -10.97
N GLU B 393 -8.19 -17.83 -12.18
CA GLU B 393 -8.44 -16.74 -13.11
C GLU B 393 -9.60 -17.15 -13.99
N VAL B 394 -10.62 -16.30 -14.08
CA VAL B 394 -11.79 -16.60 -14.89
C VAL B 394 -12.27 -15.34 -15.59
N SER B 395 -12.87 -15.54 -16.76
CA SER B 395 -13.61 -14.51 -17.47
C SER B 395 -15.09 -14.86 -17.42
N ILE B 396 -15.93 -13.85 -17.32
CA ILE B 396 -17.35 -14.02 -17.06
C ILE B 396 -18.15 -13.25 -18.08
N HIS B 397 -19.21 -13.89 -18.58
CA HIS B 397 -20.20 -13.25 -19.43
C HIS B 397 -21.56 -13.44 -18.76
N ALA B 398 -22.20 -12.36 -18.39
CA ALA B 398 -23.52 -12.42 -17.75
C ALA B 398 -24.53 -11.72 -18.65
N PHE B 399 -25.62 -12.40 -18.99
CA PHE B 399 -26.54 -11.78 -19.91
C PHE B 399 -27.96 -12.21 -19.63
N LYS B 400 -28.88 -11.28 -19.87
CA LYS B 400 -30.30 -11.51 -19.66
C LYS B 400 -30.99 -11.33 -21.00
N PRO B 401 -31.31 -12.41 -21.71
CA PRO B 401 -32.06 -12.28 -22.95
C PRO B 401 -33.29 -11.42 -22.75
N ALA B 402 -33.71 -10.78 -23.84
CA ALA B 402 -34.82 -9.82 -23.80
C ALA B 402 -35.93 -10.25 -22.87
N ASN B 403 -36.54 -11.39 -23.12
CA ASN B 403 -37.75 -11.73 -22.37
C ASN B 403 -37.47 -12.60 -21.14
N ALA B 404 -36.22 -12.87 -20.82
CA ALA B 404 -35.93 -13.71 -19.68
C ALA B 404 -36.07 -12.90 -18.39
N VAL B 405 -36.19 -13.62 -17.28
CA VAL B 405 -36.37 -13.01 -15.97
C VAL B 405 -35.04 -12.78 -15.27
N ASP B 406 -34.13 -13.76 -15.39
CA ASP B 406 -32.86 -13.75 -14.69
C ASP B 406 -31.69 -13.75 -15.67
N PHE B 407 -30.52 -13.41 -15.13
CA PHE B 407 -29.30 -13.43 -15.91
C PHE B 407 -28.74 -14.84 -16.04
N THR B 408 -28.25 -15.15 -17.23
CA THR B 408 -27.37 -16.29 -17.43
C THR B 408 -25.93 -15.82 -17.22
N ILE B 409 -25.22 -16.52 -16.36
CA ILE B 409 -23.88 -16.11 -15.96
C ILE B 409 -22.97 -17.30 -16.18
N THR B 410 -22.04 -17.17 -17.13
CA THR B 410 -21.15 -18.29 -17.45
C THR B 410 -19.70 -17.83 -17.49
N THR B 411 -18.81 -18.74 -17.09
CA THR B 411 -17.37 -18.58 -17.25
C THR B 411 -16.86 -19.21 -18.54
N ASP B 412 -17.75 -19.70 -19.40
CA ASP B 412 -17.34 -20.28 -20.68
C ASP B 412 -17.20 -19.14 -21.69
N PHE B 413 -16.14 -18.38 -21.52
CA PHE B 413 -15.98 -17.08 -22.18
C PHE B 413 -14.51 -16.69 -22.07
N THR B 414 -13.94 -16.20 -23.17
CA THR B 414 -12.51 -15.93 -23.20
C THR B 414 -12.13 -14.55 -22.67
N GLY B 415 -13.08 -13.65 -22.52
CA GLY B 415 -12.69 -12.33 -22.04
C GLY B 415 -12.46 -11.35 -23.16
N ALA B 416 -12.77 -10.08 -22.87
CA ALA B 416 -12.49 -8.97 -23.77
C ALA B 416 -12.48 -7.69 -22.97
N ASP B 417 -12.03 -6.63 -23.61
CA ASP B 417 -11.98 -5.32 -22.98
C ASP B 417 -13.21 -4.47 -23.28
N SER B 418 -13.93 -4.78 -24.36
CA SER B 418 -15.13 -4.04 -24.73
C SER B 418 -16.12 -5.01 -25.33
N ILE B 419 -17.36 -4.57 -25.37
CA ILE B 419 -18.42 -5.30 -26.05
C ILE B 419 -19.30 -4.23 -26.70
N TYR B 420 -19.75 -4.52 -27.93
CA TYR B 420 -20.50 -3.58 -28.75
C TYR B 420 -21.78 -4.25 -29.21
N THR B 421 -22.69 -3.44 -29.73
CA THR B 421 -23.92 -4.03 -30.24
C THR B 421 -24.36 -3.27 -31.48
N SER B 422 -25.07 -3.99 -32.36
CA SER B 422 -25.66 -3.39 -33.55
C SER B 422 -26.71 -4.35 -34.09
N GLY B 423 -27.87 -3.82 -34.45
CA GLY B 423 -28.92 -4.67 -34.94
C GLY B 423 -29.20 -5.78 -33.94
N ASP B 424 -29.26 -7.01 -34.42
CA ASP B 424 -29.66 -8.11 -33.57
C ASP B 424 -28.48 -8.77 -32.86
N SER B 425 -27.30 -8.15 -32.84
CA SER B 425 -26.09 -8.87 -32.42
C SER B 425 -25.25 -8.06 -31.45
N ILE B 426 -24.37 -8.77 -30.77
CA ILE B 426 -23.31 -8.19 -29.97
C ILE B 426 -21.97 -8.57 -30.59
N PHE B 427 -20.96 -7.71 -30.41
CA PHE B 427 -19.69 -7.88 -31.07
C PHE B 427 -18.56 -7.70 -30.08
N ILE B 428 -17.52 -8.50 -30.27
CA ILE B 428 -16.20 -8.22 -29.71
C ILE B 428 -15.30 -7.84 -30.88
N ILE B 429 -14.61 -6.71 -30.75
CA ILE B 429 -13.81 -6.13 -31.80
C ILE B 429 -12.49 -5.68 -31.19
N GLY B 430 -11.38 -6.03 -31.82
CA GLY B 430 -10.09 -5.59 -31.37
C GLY B 430 -9.01 -5.97 -32.37
N LEU B 431 -7.77 -6.01 -31.86
CA LEU B 431 -6.58 -6.30 -32.65
C LEU B 431 -6.03 -7.67 -32.26
N LYS B 432 -5.62 -8.44 -33.26
CA LYS B 432 -4.93 -9.71 -33.04
C LYS B 432 -3.76 -9.75 -34.00
N ASN B 433 -2.54 -9.77 -33.47
CA ASN B 433 -1.34 -9.70 -34.29
C ASN B 433 -1.31 -8.41 -35.11
N GLY B 434 -1.97 -7.36 -34.62
CA GLY B 434 -1.94 -6.09 -35.28
C GLY B 434 -3.06 -5.84 -36.26
N TYR B 435 -3.96 -6.81 -36.43
CA TYR B 435 -5.01 -6.73 -37.43
C TYR B 435 -6.37 -6.80 -36.75
N PRO B 436 -7.32 -5.94 -37.13
CA PRO B 436 -8.64 -5.98 -36.52
C PRO B 436 -9.32 -7.32 -36.74
N PHE B 437 -10.09 -7.75 -35.73
CA PHE B 437 -11.00 -8.88 -35.86
C PHE B 437 -12.35 -8.50 -35.28
N VAL B 438 -13.37 -9.21 -35.73
CA VAL B 438 -14.74 -9.06 -35.24
C VAL B 438 -15.25 -10.45 -34.86
N GLU B 439 -15.72 -10.59 -33.64
CA GLU B 439 -16.48 -11.75 -33.21
C GLU B 439 -17.93 -11.32 -33.04
N LYS B 440 -18.84 -12.19 -33.40
CA LYS B 440 -20.25 -11.85 -33.46
C LYS B 440 -21.05 -12.93 -32.73
N ALA B 441 -22.11 -12.50 -32.05
CA ALA B 441 -23.05 -13.40 -31.39
C ALA B 441 -24.42 -12.76 -31.47
N LYS B 442 -25.46 -13.59 -31.47
CA LYS B 442 -26.80 -13.03 -31.40
C LYS B 442 -27.02 -12.42 -30.01
N GLY B 443 -27.77 -11.33 -29.97
CA GLY B 443 -28.09 -10.74 -28.68
C GLY B 443 -28.81 -11.72 -27.78
N GLY B 444 -28.42 -11.71 -26.50
CA GLY B 444 -29.03 -12.63 -25.57
C GLY B 444 -28.46 -14.03 -25.64
N SER B 445 -27.27 -14.20 -26.22
CA SER B 445 -26.61 -15.49 -26.27
C SER B 445 -25.14 -15.32 -25.90
N ASN B 446 -24.48 -16.44 -25.67
CA ASN B 446 -23.04 -16.50 -25.49
C ASN B 446 -22.37 -17.17 -26.69
N ASP B 447 -23.00 -17.12 -27.87
CA ASP B 447 -22.53 -17.88 -29.04
C ASP B 447 -21.67 -16.99 -29.95
N PHE B 448 -20.47 -16.68 -29.47
CA PHE B 448 -19.56 -15.82 -30.21
C PHE B 448 -18.84 -16.63 -31.28
N GLU B 449 -18.58 -16.00 -32.42
CA GLU B 449 -17.74 -16.64 -33.43
C GLU B 449 -16.95 -15.54 -34.14
N VAL B 450 -15.67 -15.82 -34.40
CA VAL B 450 -14.88 -14.92 -35.22
C VAL B 450 -15.50 -14.89 -36.60
N VAL B 451 -16.00 -13.74 -37.01
CA VAL B 451 -16.57 -13.65 -38.36
C VAL B 451 -15.72 -12.80 -39.28
N TYR B 452 -14.57 -12.34 -38.84
CA TYR B 452 -13.77 -11.42 -39.63
C TYR B 452 -12.40 -11.28 -39.00
N GLN B 453 -11.36 -11.31 -39.82
CA GLN B 453 -9.99 -11.14 -39.37
C GLN B 453 -9.19 -10.54 -40.53
N GLN B 454 -8.83 -9.26 -40.43
CA GLN B 454 -7.99 -8.67 -41.46
C GLN B 454 -6.69 -9.46 -41.55
N ALA B 455 -6.13 -9.58 -42.77
CA ALA B 455 -4.93 -10.39 -42.88
C ALA B 455 -3.81 -9.79 -43.73
N SER B 456 -3.97 -8.58 -44.26
CA SER B 456 -2.86 -7.93 -44.94
C SER B 456 -3.01 -6.43 -44.79
N GLY B 457 -1.91 -5.73 -44.98
CA GLY B 457 -1.87 -4.29 -44.76
C GLY B 457 -1.05 -3.93 -43.55
N VAL B 458 -0.90 -2.61 -43.36
CA VAL B 458 -0.17 -2.13 -42.19
C VAL B 458 -0.85 -2.63 -40.93
N LYS B 459 -0.04 -2.98 -39.94
CA LYS B 459 -0.55 -3.43 -38.65
C LYS B 459 -0.66 -2.25 -37.68
N PHE B 460 -1.47 -2.44 -36.64
CA PHE B 460 -1.89 -1.35 -35.79
C PHE B 460 -1.48 -1.56 -34.34
N ASP B 461 -1.10 -0.45 -33.71
CA ASP B 461 -0.70 -0.50 -32.31
C ASP B 461 -1.92 -0.50 -31.40
N HIS B 462 -2.92 0.30 -31.71
CA HIS B 462 -4.08 0.50 -30.86
C HIS B 462 -5.06 1.34 -31.64
N GLY B 463 -6.25 1.49 -31.08
CA GLY B 463 -7.29 2.27 -31.73
C GLY B 463 -8.50 2.41 -30.82
N THR B 464 -9.51 3.10 -31.33
CA THR B 464 -10.76 3.27 -30.60
C THR B 464 -11.92 3.14 -31.59
N ILE B 465 -13.08 2.70 -31.08
CA ILE B 465 -14.19 2.29 -31.92
C ILE B 465 -15.45 3.09 -31.61
N HIS B 466 -16.18 3.45 -32.66
CA HIS B 466 -17.53 4.00 -32.51
C HIS B 466 -18.46 3.24 -33.45
N ILE B 467 -19.58 2.76 -32.90
CA ILE B 467 -20.57 2.00 -33.65
C ILE B 467 -21.70 2.92 -34.07
N GLU B 468 -22.09 2.83 -35.34
CA GLU B 468 -23.21 3.60 -35.89
C GLU B 468 -23.49 3.10 -37.31
N ASN B 469 -24.76 3.19 -37.71
CA ASN B 469 -25.17 2.86 -39.08
C ASN B 469 -24.85 1.40 -39.44
N GLY B 470 -24.84 0.51 -38.46
CA GLY B 470 -24.42 -0.86 -38.71
C GLY B 470 -22.98 -1.00 -39.10
N LYS B 471 -22.15 -0.01 -38.76
CA LYS B 471 -20.73 -0.01 -39.08
C LYS B 471 -19.93 0.22 -37.82
N ALA B 472 -18.70 -0.25 -37.84
CA ALA B 472 -17.73 0.04 -36.80
C ALA B 472 -16.71 1.00 -37.39
N TYR B 473 -16.56 2.16 -36.77
CA TYR B 473 -15.56 3.12 -37.21
C TYR B 473 -14.35 2.91 -36.31
N TYR B 474 -13.32 2.28 -36.86
CA TYR B 474 -12.15 1.85 -36.11
C TYR B 474 -11.06 2.87 -36.39
N TYR B 475 -10.87 3.77 -35.43
CA TYR B 475 -9.86 4.82 -35.53
C TYR B 475 -8.56 4.27 -34.96
N LEU B 476 -7.55 4.10 -35.81
CA LEU B 476 -6.41 3.27 -35.44
C LEU B 476 -5.13 4.04 -35.61
N MET B 477 -4.12 3.66 -34.83
CA MET B 477 -2.77 4.15 -35.03
C MET B 477 -1.89 2.98 -35.48
N GLU B 478 -1.01 3.27 -36.43
CA GLU B 478 -0.14 2.28 -37.04
C GLU B 478 1.03 1.93 -36.11
N LYS B 479 1.44 0.66 -36.14
CA LYS B 479 2.65 0.24 -35.45
C LYS B 479 3.84 1.01 -36.01
N GLY B 480 4.85 1.22 -35.17
CA GLY B 480 6.06 1.87 -35.64
C GLY B 480 6.88 2.45 -34.51
N ALA B 481 8.03 3.01 -34.90
CA ALA B 481 8.98 3.59 -33.97
C ALA B 481 8.77 5.08 -33.82
N GLY B 482 9.20 5.63 -32.66
CA GLY B 482 9.13 7.06 -32.42
C GLY B 482 7.82 7.49 -31.81
N ASN B 483 7.69 8.81 -31.66
CA ASN B 483 6.53 9.42 -31.03
C ASN B 483 5.69 10.22 -32.01
N ALA B 484 5.78 9.90 -33.30
CA ALA B 484 4.92 10.52 -34.30
C ALA B 484 4.57 9.42 -35.29
N LEU B 485 3.41 8.80 -35.11
CA LEU B 485 3.01 7.65 -35.89
C LEU B 485 1.75 7.98 -36.69
N PRO B 486 1.50 7.27 -37.78
CA PRO B 486 0.35 7.58 -38.62
C PRO B 486 -0.95 7.05 -38.04
N LEU B 487 -2.03 7.66 -38.49
CA LEU B 487 -3.37 7.28 -38.07
C LEU B 487 -4.20 6.93 -39.29
N HIS B 488 -5.05 5.93 -39.13
CA HIS B 488 -5.95 5.48 -40.16
C HIS B 488 -7.34 5.34 -39.60
N LEU B 489 -8.32 5.58 -40.46
CA LEU B 489 -9.71 5.28 -40.19
C LEU B 489 -10.09 4.09 -41.05
N GLN B 490 -10.59 3.03 -40.41
CA GLN B 490 -11.23 1.92 -41.09
C GLN B 490 -12.72 1.98 -40.81
N VAL B 491 -13.51 1.89 -41.87
CA VAL B 491 -14.95 1.74 -41.76
C VAL B 491 -15.27 0.28 -42.07
N ILE B 492 -15.74 -0.45 -41.08
CA ILE B 492 -16.06 -1.87 -41.18
C ILE B 492 -17.57 -2.01 -41.13
N ASP B 493 -18.14 -2.64 -42.14
CA ASP B 493 -19.55 -2.96 -42.10
C ASP B 493 -19.76 -4.25 -41.31
N LEU B 494 -20.69 -4.22 -40.37
CA LEU B 494 -20.91 -5.34 -39.46
C LEU B 494 -21.97 -6.32 -39.97
N GLY B 495 -22.56 -6.07 -41.14
CA GLY B 495 -23.67 -6.90 -41.58
C GLY B 495 -24.99 -6.53 -40.93
N VAL B 496 -25.26 -5.22 -40.82
CA VAL B 496 -26.50 -4.67 -40.26
C VAL B 496 -27.74 -5.48 -40.66
#